data_4MJ2
#
_entry.id   4MJ2
#
_cell.length_a   259.360
_cell.length_b   259.360
_cell.length_c   71.810
_cell.angle_alpha   90.00
_cell.angle_beta   90.00
_cell.angle_gamma   120.00
#
_symmetry.space_group_name_H-M   'H 3'
#
loop_
_entity.id
_entity.type
_entity.pdbx_description
1 polymer Alpha-L-iduronidase
2 branched 2-acetamido-2-deoxy-beta-D-glucopyranose-(1-4)-2-acetamido-2-deoxy-beta-D-glucopyranose
3 branched alpha-D-mannopyranose-(1-3)-[alpha-D-mannopyranose-(1-6)]beta-D-mannopyranose-(1-4)-2-acetamido-2-deoxy-beta-D-glucopyranose-(1-4)-2-acetamido-2-deoxy-beta-D-glucopyranose
4 branched beta-D-mannopyranose-(1-4)-2-acetamido-2-deoxy-beta-D-glucopyranose-(1-4)-2-acetamido-2-deoxy-beta-D-glucopyranose
5 branched alpha-D-mannopyranose-(1-2)-alpha-D-mannopyranose-(1-3)-[alpha-D-mannopyranose-(1-6)-alpha-D-mannopyranose-(1-6)]beta-D-mannopyranose-(1-4)-2-acetamido-2-deoxy-beta-D-glucopyranose-(1-4)-2-acetamido-2-deoxy-beta-D-glucopyranose
6 non-polymer 2-acetamido-2-deoxy-beta-D-glucopyranose
7 non-polymer GLYCEROL
8 non-polymer 'CHLORIDE ION'
9 non-polymer 'L(+)-TARTARIC ACID'
10 non-polymer 'S,R MESO-TARTARIC ACID'
11 water water
#
_entity_poly.entity_id   1
_entity_poly.type   'polypeptide(L)'
_entity_poly.pdbx_seq_one_letter_code
;MRPLRPRAALLALLASLLAAPPVAPAEAPHLVQVDAARALWPLRRFWRSTGFCPPLPHSQADPYVLSWDQQLNLAYVGAV
PHRGIKQVRTHWLLELVTTRGSTGQGLSYNFTHLDGYLDLLRENQLLPGFELMGSASGHFTDFEDKQQVFEWKDLVSSLA
RRYIGRYGLAHVSKWNFETWNEPDHHDFDNVSMTMQGFLNYYDACSEGLRAASPALRLGGPGDSFHTPPRSPLSWGLLRH
CHDGTNFFTGEAGVRLDYISLHRKGARSSISILEQEKVVAQQIRQLFPKFADTPIYNDEADPLVGWSLPQPWRADVTYAA
MVVKVIAQHQNLLLANTTSAFPYALLSNDNAFLSYHPHPFAQRTLTARFQVNNTRPPHVQLLRKPVLTAMGLLALLDEEQ
LWAEVSQAGTVLDSNHTVGVLASAHRPQGPADAWRAAVLIYASDDTRAHPNRSVAVTLRLRGVPPGPGLVYVTRYLDNGL
CSPDGEWRRLGRPVFPTAEQFRRMRAAEDPVAAAPRPLPAGGRLTLRPALRLPSLLLVHVCARPEKPPGQVTRLRALPLT
QGQLVLVWSDEHVGSKCLWTYEIQFSQDGKAYTPVSRKPSTFNLFVFSPDTGAVSGSYRVRALDYWARPGPFSDPVPYLE
VPVPRGPPSPGNP
;
_entity_poly.pdbx_strand_id   A,B
#
# COMPACT_ATOMS: atom_id res chain seq x y z
N ALA A 28 6.11 34.74 17.84
CA ALA A 28 6.00 34.77 19.33
C ALA A 28 5.60 33.39 19.86
N PRO A 29 6.33 32.88 20.87
CA PRO A 29 6.07 31.52 21.38
C PRO A 29 4.84 31.45 22.27
N HIS A 30 4.35 30.24 22.50
CA HIS A 30 3.22 30.00 23.40
C HIS A 30 3.75 29.82 24.83
N LEU A 31 3.19 30.59 25.75
CA LEU A 31 3.57 30.53 27.14
C LEU A 31 2.52 29.75 27.93
N VAL A 32 2.98 28.73 28.66
CA VAL A 32 2.10 27.88 29.45
C VAL A 32 2.57 27.87 30.90
N GLN A 33 1.78 28.45 31.80
CA GLN A 33 2.12 28.43 33.22
C GLN A 33 1.18 27.55 34.00
N VAL A 34 1.75 26.87 34.99
CA VAL A 34 1.03 25.92 35.81
C VAL A 34 1.37 26.21 37.27
N ASP A 35 0.34 26.41 38.09
CA ASP A 35 0.54 26.67 39.51
C ASP A 35 0.19 25.41 40.30
N ALA A 36 1.22 24.69 40.73
CA ALA A 36 1.04 23.44 41.47
C ALA A 36 0.50 23.67 42.88
N ALA A 37 0.71 24.87 43.42
CA ALA A 37 0.18 25.23 44.75
C ALA A 37 -1.31 25.60 44.72
N ARG A 38 -1.92 25.64 43.52
CA ARG A 38 -3.32 26.02 43.38
C ARG A 38 -4.19 24.87 42.86
N ALA A 39 -4.55 23.94 43.74
CA ALA A 39 -5.52 22.90 43.42
C ALA A 39 -6.92 23.51 43.50
N LEU A 40 -7.50 23.82 42.34
CA LEU A 40 -8.72 24.61 42.27
C LEU A 40 -10.00 23.83 42.59
N TRP A 41 -10.12 22.65 42.00
CA TRP A 41 -11.34 21.83 42.16
C TRP A 41 -11.08 20.41 41.70
N PRO A 42 -11.98 19.47 42.04
CA PRO A 42 -11.84 18.09 41.57
C PRO A 42 -11.74 17.97 40.04
N LEU A 43 -10.98 16.99 39.60
CA LEU A 43 -10.86 16.66 38.18
C LEU A 43 -11.24 15.20 38.00
N ARG A 44 -12.40 14.96 37.43
CA ARG A 44 -12.90 13.60 37.23
C ARG A 44 -12.47 13.06 35.88
N ARG A 45 -12.07 11.80 35.84
CA ARG A 45 -11.70 11.14 34.59
C ARG A 45 -12.98 10.68 33.88
N PHE A 46 -13.64 11.64 33.25
CA PHE A 46 -14.98 11.44 32.66
C PHE A 46 -14.97 10.82 31.27
N TRP A 47 -13.79 10.53 30.74
CA TRP A 47 -13.61 10.16 29.33
C TRP A 47 -13.23 8.68 29.15
N ARG A 48 -13.34 7.90 30.22
CA ARG A 48 -12.77 6.54 30.22
C ARG A 48 -13.75 5.51 29.64
N SER A 49 -14.17 5.74 28.40
CA SER A 49 -15.18 4.91 27.74
C SER A 49 -14.86 4.75 26.26
N THR A 50 -15.14 3.58 25.72
CA THR A 50 -15.14 3.35 24.29
C THR A 50 -16.39 2.57 23.93
N GLY A 51 -16.53 2.21 22.66
CA GLY A 51 -17.67 1.39 22.23
C GLY A 51 -17.59 0.92 20.79
N PHE A 52 -18.46 -0.03 20.44
CA PHE A 52 -18.55 -0.52 19.07
C PHE A 52 -19.90 -1.20 18.78
N CYS A 53 -20.13 -1.48 17.51
CA CYS A 53 -21.31 -2.19 17.03
C CYS A 53 -20.83 -3.42 16.28
N PRO A 54 -21.33 -4.62 16.63
CA PRO A 54 -20.96 -5.79 15.83
C PRO A 54 -21.53 -5.72 14.41
N PRO A 55 -20.85 -6.38 13.45
CA PRO A 55 -21.40 -6.50 12.10
C PRO A 55 -22.43 -7.61 12.02
N TYR A 64 -18.66 -12.86 16.28
CA TYR A 64 -17.71 -11.75 16.15
C TYR A 64 -17.16 -11.32 17.51
N VAL A 65 -18.05 -11.09 18.46
CA VAL A 65 -17.66 -10.63 19.80
C VAL A 65 -16.86 -11.65 20.61
N LEU A 66 -16.92 -12.94 20.23
CA LEU A 66 -16.11 -13.99 20.86
C LEU A 66 -14.93 -14.44 20.00
N SER A 67 -14.79 -13.84 18.82
CA SER A 67 -13.66 -14.15 17.94
C SER A 67 -12.33 -13.80 18.59
N TRP A 68 -11.26 -14.47 18.15
CA TRP A 68 -9.93 -14.20 18.66
C TRP A 68 -9.51 -12.75 18.40
N ASP A 69 -9.96 -12.19 17.27
CA ASP A 69 -9.74 -10.79 16.94
C ASP A 69 -10.22 -9.90 18.08
N GLN A 70 -11.46 -10.15 18.52
CA GLN A 70 -12.07 -9.34 19.58
C GLN A 70 -11.40 -9.56 20.92
N GLN A 71 -10.95 -10.79 21.18
CA GLN A 71 -10.29 -11.11 22.44
C GLN A 71 -8.99 -10.32 22.56
N LEU A 72 -8.22 -10.26 21.48
CA LEU A 72 -7.02 -9.43 21.43
C LEU A 72 -7.36 -7.94 21.56
N ASN A 73 -8.42 -7.52 20.86
CA ASN A 73 -8.84 -6.12 20.88
C ASN A 73 -9.12 -5.64 22.30
N LEU A 74 -9.92 -6.40 23.04
CA LEU A 74 -10.26 -6.03 24.43
C LEU A 74 -9.08 -6.18 25.39
N ALA A 75 -8.12 -7.05 25.06
CA ALA A 75 -6.86 -7.10 25.80
C ALA A 75 -6.12 -5.77 25.66
N TYR A 76 -6.08 -5.22 24.45
CA TYR A 76 -5.45 -3.93 24.21
C TYR A 76 -6.18 -2.79 24.94
N VAL A 77 -7.51 -2.81 24.87
CA VAL A 77 -8.32 -1.77 25.51
C VAL A 77 -8.16 -1.79 27.03
N GLY A 78 -8.17 -2.99 27.62
CA GLY A 78 -8.01 -3.15 29.06
C GLY A 78 -6.59 -2.90 29.54
N ALA A 79 -5.62 -2.91 28.61
CA ALA A 79 -4.21 -2.71 28.94
C ALA A 79 -3.82 -1.25 29.14
N VAL A 80 -4.73 -0.32 28.84
CA VAL A 80 -4.48 1.09 29.09
C VAL A 80 -4.28 1.25 30.59
N PRO A 81 -3.17 1.89 31.01
CA PRO A 81 -2.84 1.88 32.43
C PRO A 81 -3.84 2.62 33.31
N HIS A 82 -3.89 2.21 34.59
CA HIS A 82 -4.67 2.88 35.63
C HIS A 82 -6.15 3.05 35.27
N ARG A 83 -6.74 1.98 34.74
CA ARG A 83 -8.15 1.96 34.35
C ARG A 83 -8.51 3.09 33.37
N GLY A 84 -7.58 3.40 32.46
CA GLY A 84 -7.73 4.50 31.51
C GLY A 84 -8.89 4.36 30.54
N ILE A 85 -9.29 3.13 30.25
CA ILE A 85 -10.60 2.86 29.63
C ILE A 85 -11.33 1.86 30.52
N LYS A 86 -12.51 2.24 31.00
CA LYS A 86 -13.27 1.47 31.97
C LYS A 86 -14.50 0.78 31.35
N GLN A 87 -15.13 1.45 30.38
CA GLN A 87 -16.40 0.99 29.80
C GLN A 87 -16.29 0.72 28.30
N VAL A 88 -16.89 -0.38 27.86
CA VAL A 88 -17.07 -0.67 26.44
C VAL A 88 -18.57 -0.71 26.13
N ARG A 89 -19.06 0.37 25.51
CA ARG A 89 -20.49 0.48 25.14
C ARG A 89 -20.76 -0.37 23.90
N THR A 90 -21.49 -1.47 24.07
CA THR A 90 -21.63 -2.50 23.04
C THR A 90 -23.09 -2.65 22.57
N HIS A 91 -23.32 -2.48 21.26
CA HIS A 91 -24.65 -2.67 20.68
C HIS A 91 -25.04 -4.15 20.59
N TRP A 92 -26.35 -4.39 20.44
CA TRP A 92 -26.91 -5.72 20.17
C TRP A 92 -26.55 -6.82 21.18
N LEU A 93 -26.35 -6.43 22.44
CA LEU A 93 -26.06 -7.40 23.51
C LEU A 93 -27.16 -8.46 23.68
N LEU A 94 -28.41 -8.09 23.42
CA LEU A 94 -29.53 -9.03 23.56
C LEU A 94 -29.83 -9.82 22.28
N GLU A 95 -28.93 -9.77 21.30
CA GLU A 95 -28.92 -10.74 20.23
C GLU A 95 -27.96 -11.89 20.58
N LEU A 96 -27.25 -11.74 21.69
CA LEU A 96 -26.43 -12.83 22.25
C LEU A 96 -27.23 -13.71 23.21
N VAL A 97 -28.54 -13.49 23.27
CA VAL A 97 -29.45 -14.35 24.02
C VAL A 97 -30.44 -14.97 23.04
N THR A 98 -30.69 -16.27 23.20
CA THR A 98 -31.68 -16.99 22.40
C THR A 98 -32.81 -17.48 23.30
N THR A 99 -33.98 -17.73 22.70
CA THR A 99 -35.19 -18.07 23.45
C THR A 99 -35.58 -19.53 23.23
N LEU A 107 -41.45 -20.10 28.86
CA LEU A 107 -40.49 -19.29 28.11
C LEU A 107 -39.17 -19.16 28.87
N SER A 108 -38.10 -19.70 28.30
CA SER A 108 -36.77 -19.66 28.92
C SER A 108 -35.72 -19.14 27.95
N TYR A 109 -34.60 -18.66 28.49
CA TYR A 109 -33.56 -18.03 27.70
C TYR A 109 -32.21 -18.74 27.87
N ASN A 110 -31.44 -18.77 26.78
CA ASN A 110 -30.09 -19.29 26.79
C ASN A 110 -29.11 -18.12 26.75
N PHE A 111 -28.35 -17.94 27.84
CA PHE A 111 -27.46 -16.79 28.00
C PHE A 111 -25.99 -17.06 27.61
N THR A 112 -25.72 -18.24 27.07
CA THR A 112 -24.35 -18.70 26.79
C THR A 112 -23.45 -17.65 26.13
N HIS A 113 -23.88 -17.11 24.99
CA HIS A 113 -23.05 -16.17 24.24
C HIS A 113 -22.87 -14.84 24.98
N LEU A 114 -23.90 -14.41 25.70
CA LEU A 114 -23.79 -13.19 26.52
C LEU A 114 -22.84 -13.40 27.69
N ASP A 115 -22.94 -14.57 28.35
CA ASP A 115 -22.00 -14.96 29.41
C ASP A 115 -20.55 -14.85 28.93
N GLY A 116 -20.29 -15.37 27.73
CA GLY A 116 -18.96 -15.35 27.14
C GLY A 116 -18.39 -13.95 26.95
N TYR A 117 -19.20 -13.07 26.37
CA TYR A 117 -18.74 -11.69 26.14
C TYR A 117 -18.51 -10.93 27.44
N LEU A 118 -19.44 -11.04 28.37
CA LEU A 118 -19.33 -10.35 29.66
C LEU A 118 -18.17 -10.89 30.50
N ASP A 119 -17.92 -12.20 30.43
CA ASP A 119 -16.74 -12.78 31.06
C ASP A 119 -15.46 -12.23 30.42
N LEU A 120 -15.49 -12.04 29.11
CA LEU A 120 -14.35 -11.46 28.39
C LEU A 120 -14.04 -10.04 28.87
N LEU A 121 -15.06 -9.22 29.00
CA LEU A 121 -14.88 -7.87 29.56
C LEU A 121 -14.34 -7.90 30.99
N ARG A 122 -14.94 -8.76 31.83
CA ARG A 122 -14.53 -8.91 33.22
C ARG A 122 -13.06 -9.32 33.34
N GLU A 123 -12.63 -10.25 32.49
CA GLU A 123 -11.24 -10.71 32.47
C GLU A 123 -10.27 -9.57 32.17
N ASN A 124 -10.71 -8.61 31.36
CA ASN A 124 -9.89 -7.45 31.00
C ASN A 124 -10.14 -6.21 31.88
N GLN A 125 -10.81 -6.42 33.02
CA GLN A 125 -11.16 -5.34 33.96
C GLN A 125 -11.96 -4.21 33.28
N LEU A 126 -12.89 -4.61 32.43
CA LEU A 126 -13.75 -3.67 31.71
C LEU A 126 -15.21 -3.90 32.08
N LEU A 127 -16.01 -2.84 32.01
CA LEU A 127 -17.44 -2.91 32.27
C LEU A 127 -18.20 -2.74 30.96
N PRO A 128 -19.36 -3.39 30.82
CA PRO A 128 -20.20 -3.16 29.65
C PRO A 128 -21.01 -1.88 29.75
N GLY A 129 -20.98 -1.07 28.70
CA GLY A 129 -22.02 -0.06 28.49
C GLY A 129 -23.20 -0.88 27.99
N PHE A 130 -24.09 -1.24 28.91
CA PHE A 130 -25.08 -2.27 28.64
C PHE A 130 -26.36 -1.70 28.03
N GLU A 131 -26.34 -1.53 26.71
CA GLU A 131 -27.56 -1.15 25.99
C GLU A 131 -28.53 -2.32 25.93
N LEU A 132 -29.74 -2.11 26.44
CA LEU A 132 -30.75 -3.16 26.45
C LEU A 132 -31.39 -3.24 25.07
N MET A 133 -30.66 -3.88 24.16
CA MET A 133 -30.85 -3.72 22.74
C MET A 133 -30.75 -5.08 22.03
N GLY A 134 -31.86 -5.51 21.42
CA GLY A 134 -31.94 -6.82 20.75
C GLY A 134 -33.32 -7.42 20.88
N SER A 135 -33.57 -8.49 20.14
CA SER A 135 -34.89 -9.12 20.09
C SER A 135 -34.91 -10.52 20.74
N ALA A 136 -33.83 -10.86 21.45
CA ALA A 136 -33.62 -12.21 21.97
C ALA A 136 -33.79 -13.24 20.83
N SER A 137 -33.04 -13.00 19.75
CA SER A 137 -33.04 -13.85 18.57
C SER A 137 -34.43 -14.08 17.98
N GLY A 138 -35.18 -12.99 17.80
CA GLY A 138 -36.42 -13.00 17.05
C GLY A 138 -37.71 -13.06 17.85
N HIS A 139 -37.62 -13.26 19.16
CA HIS A 139 -38.83 -13.39 19.97
C HIS A 139 -39.62 -12.09 20.05
N PHE A 140 -38.96 -11.01 20.46
CA PHE A 140 -39.62 -9.73 20.62
C PHE A 140 -39.81 -9.01 19.28
N THR A 141 -41.03 -8.57 19.02
CA THR A 141 -41.40 -7.94 17.75
C THR A 141 -42.27 -6.68 17.89
N ASP A 142 -42.82 -6.42 19.06
CA ASP A 142 -43.83 -5.36 19.23
C ASP A 142 -43.97 -4.95 20.69
N PHE A 143 -43.57 -3.72 20.99
CA PHE A 143 -43.65 -3.21 22.36
C PHE A 143 -44.94 -2.46 22.69
N GLU A 144 -45.94 -2.58 21.82
CA GLU A 144 -47.31 -2.20 22.15
C GLU A 144 -48.19 -3.44 22.43
N ASP A 145 -47.64 -4.62 22.17
CA ASP A 145 -48.22 -5.88 22.62
C ASP A 145 -47.97 -6.00 24.13
N LYS A 146 -49.04 -5.97 24.91
CA LYS A 146 -48.94 -5.98 26.38
C LYS A 146 -48.11 -7.16 26.91
N GLN A 147 -48.36 -8.36 26.39
CA GLN A 147 -47.64 -9.56 26.83
C GLN A 147 -46.13 -9.45 26.61
N GLN A 148 -45.74 -8.90 25.47
CA GLN A 148 -44.32 -8.70 25.16
C GLN A 148 -43.65 -7.71 26.12
N VAL A 149 -44.40 -6.71 26.58
CA VAL A 149 -43.87 -5.72 27.52
C VAL A 149 -43.56 -6.38 28.87
N PHE A 150 -44.49 -7.20 29.37
CA PHE A 150 -44.24 -7.97 30.60
C PHE A 150 -43.06 -8.95 30.46
N GLU A 151 -42.96 -9.59 29.31
CA GLU A 151 -41.88 -10.53 29.03
C GLU A 151 -40.52 -9.84 29.01
N TRP A 152 -40.47 -8.65 28.42
CA TRP A 152 -39.23 -7.87 28.40
C TRP A 152 -38.78 -7.53 29.82
N LYS A 153 -39.72 -7.11 30.66
CA LYS A 153 -39.42 -6.82 32.06
C LYS A 153 -38.78 -8.03 32.75
N ASP A 154 -39.38 -9.20 32.55
CA ASP A 154 -38.86 -10.43 33.16
C ASP A 154 -37.50 -10.86 32.59
N LEU A 155 -37.28 -10.64 31.30
CA LEU A 155 -35.97 -10.88 30.70
C LEU A 155 -34.90 -10.03 31.36
N VAL A 156 -35.17 -8.72 31.44
CA VAL A 156 -34.24 -7.77 32.04
C VAL A 156 -33.96 -8.11 33.50
N SER A 157 -35.01 -8.49 34.23
CA SER A 157 -34.83 -8.94 35.61
C SER A 157 -33.95 -10.18 35.70
N SER A 158 -34.20 -11.16 34.84
CA SER A 158 -33.42 -12.40 34.83
C SER A 158 -31.95 -12.15 34.54
N LEU A 159 -31.65 -11.38 33.51
CA LEU A 159 -30.27 -11.15 33.13
C LEU A 159 -29.55 -10.34 34.20
N ALA A 160 -30.23 -9.34 34.75
CA ALA A 160 -29.65 -8.50 35.79
C ALA A 160 -29.33 -9.32 37.04
N ARG A 161 -30.28 -10.15 37.48
CA ARG A 161 -30.05 -11.03 38.63
C ARG A 161 -28.98 -12.09 38.36
N ARG A 162 -28.95 -12.60 37.14
CA ARG A 162 -27.94 -13.59 36.74
C ARG A 162 -26.52 -13.07 36.92
N TYR A 163 -26.26 -11.84 36.47
CA TYR A 163 -24.92 -11.28 36.50
C TYR A 163 -24.59 -10.63 37.84
N ILE A 164 -25.62 -10.27 38.60
CA ILE A 164 -25.48 -9.99 40.03
C ILE A 164 -24.95 -11.24 40.74
N GLY A 165 -25.54 -12.40 40.43
CA GLY A 165 -25.07 -13.66 40.98
C GLY A 165 -23.68 -14.03 40.49
N ARG A 166 -23.43 -13.79 39.21
CA ARG A 166 -22.15 -14.15 38.58
C ARG A 166 -20.99 -13.26 39.05
N TYR A 167 -21.21 -11.95 39.14
CA TYR A 167 -20.13 -11.00 39.45
C TYR A 167 -20.24 -10.28 40.78
N GLY A 168 -21.42 -10.30 41.41
CA GLY A 168 -21.66 -9.54 42.63
C GLY A 168 -22.36 -8.23 42.37
N LEU A 169 -23.20 -7.81 43.31
CA LEU A 169 -24.00 -6.59 43.17
C LEU A 169 -23.14 -5.32 43.14
N ALA A 170 -22.02 -5.32 43.87
CA ALA A 170 -21.12 -4.17 43.90
C ALA A 170 -20.55 -3.87 42.51
N HIS A 171 -20.24 -4.91 41.74
CA HIS A 171 -19.73 -4.74 40.38
C HIS A 171 -20.82 -4.32 39.38
N VAL A 172 -21.96 -5.01 39.43
CA VAL A 172 -23.04 -4.78 38.46
C VAL A 172 -23.71 -3.41 38.68
N SER A 173 -23.69 -2.90 39.91
CA SER A 173 -24.23 -1.57 40.21
C SER A 173 -23.43 -0.43 39.55
N LYS A 174 -22.23 -0.73 39.05
CA LYS A 174 -21.43 0.27 38.33
C LYS A 174 -21.80 0.37 36.85
N TRP A 175 -22.56 -0.60 36.35
CA TRP A 175 -22.86 -0.67 34.92
C TRP A 175 -23.82 0.43 34.49
N ASN A 176 -23.50 1.12 33.40
CA ASN A 176 -24.44 2.04 32.79
C ASN A 176 -25.37 1.26 31.89
N PHE A 177 -26.46 0.75 32.45
CA PHE A 177 -27.54 0.21 31.62
C PHE A 177 -28.14 1.37 30.84
N GLU A 178 -28.51 1.10 29.60
CA GLU A 178 -28.97 2.14 28.69
C GLU A 178 -30.06 1.62 27.77
N THR A 179 -30.85 2.54 27.23
CA THR A 179 -31.88 2.18 26.25
C THR A 179 -31.26 1.76 24.92
N TRP A 180 -32.09 1.14 24.10
CA TRP A 180 -31.79 0.85 22.70
C TRP A 180 -31.08 2.05 22.05
N ASN A 181 -30.06 1.78 21.25
CA ASN A 181 -29.27 2.85 20.62
C ASN A 181 -30.09 3.67 19.62
N GLU A 182 -29.92 4.98 19.66
CA GLU A 182 -30.48 5.91 18.70
C GLU A 182 -31.91 5.57 18.26
N PRO A 183 -32.88 5.63 19.20
CA PRO A 183 -34.26 5.26 18.88
C PRO A 183 -34.91 6.07 17.75
N ASP A 184 -34.44 7.29 17.53
CA ASP A 184 -34.96 8.13 16.45
C ASP A 184 -34.29 7.88 15.09
N HIS A 185 -33.34 6.94 15.03
CA HIS A 185 -32.73 6.55 13.76
C HIS A 185 -33.25 5.21 13.24
N HIS A 186 -34.37 4.76 13.79
CA HIS A 186 -35.17 3.64 13.25
C HIS A 186 -34.37 2.36 12.97
N ASP A 187 -33.39 2.06 13.82
CA ASP A 187 -32.58 0.86 13.65
C ASP A 187 -33.06 -0.24 14.60
N PHE A 188 -34.21 -0.83 14.26
CA PHE A 188 -34.89 -1.82 15.11
C PHE A 188 -35.05 -3.20 14.46
N ASP A 189 -34.49 -3.39 13.26
CA ASP A 189 -34.66 -4.63 12.50
C ASP A 189 -36.14 -5.01 12.32
N ASN A 190 -36.58 -6.13 12.92
CA ASN A 190 -37.96 -6.60 12.79
C ASN A 190 -38.83 -6.24 13.99
N VAL A 191 -38.34 -5.34 14.83
CA VAL A 191 -39.05 -4.94 16.04
C VAL A 191 -39.82 -3.65 15.78
N SER A 192 -41.12 -3.67 16.03
CA SER A 192 -41.94 -2.47 15.96
C SER A 192 -41.73 -1.64 17.22
N MET A 193 -41.16 -0.44 17.06
CA MET A 193 -40.95 0.48 18.17
C MET A 193 -41.57 1.84 17.86
N THR A 194 -42.83 2.01 18.24
CA THR A 194 -43.52 3.29 18.12
C THR A 194 -43.15 4.18 19.30
N MET A 195 -43.68 5.40 19.31
CA MET A 195 -43.49 6.33 20.43
C MET A 195 -43.98 5.67 21.72
N GLN A 196 -45.21 5.18 21.71
CA GLN A 196 -45.78 4.54 22.89
C GLN A 196 -45.05 3.26 23.25
N GLY A 197 -44.64 2.50 22.24
CA GLY A 197 -43.89 1.27 22.46
C GLY A 197 -42.56 1.52 23.13
N PHE A 198 -41.90 2.61 22.76
CA PHE A 198 -40.61 2.98 23.36
C PHE A 198 -40.77 3.32 24.85
N LEU A 199 -41.90 3.95 25.20
CA LEU A 199 -42.19 4.28 26.59
C LEU A 199 -42.50 3.01 27.39
N ASN A 200 -43.23 2.07 26.78
CA ASN A 200 -43.53 0.79 27.41
C ASN A 200 -42.24 -0.02 27.62
N TYR A 201 -41.43 -0.04 26.57
CA TYR A 201 -40.12 -0.67 26.58
C TYR A 201 -39.26 -0.10 27.71
N TYR A 202 -39.25 1.23 27.83
CA TYR A 202 -38.41 1.87 28.85
C TYR A 202 -38.87 1.48 30.25
N ASP A 203 -40.19 1.48 30.48
CA ASP A 203 -40.74 1.12 31.79
C ASP A 203 -40.43 -0.33 32.16
N ALA A 204 -40.42 -1.23 31.17
CA ALA A 204 -40.01 -2.62 31.39
C ALA A 204 -38.52 -2.72 31.74
N CYS A 205 -37.70 -1.95 31.03
CA CYS A 205 -36.28 -1.86 31.35
C CYS A 205 -36.10 -1.43 32.80
N SER A 206 -36.75 -0.33 33.17
CA SER A 206 -36.61 0.27 34.49
C SER A 206 -37.16 -0.61 35.60
N GLU A 207 -38.34 -1.18 35.42
CA GLU A 207 -38.93 -2.06 36.45
C GLU A 207 -38.21 -3.41 36.53
N GLY A 208 -37.70 -3.89 35.41
CA GLY A 208 -36.94 -5.14 35.38
C GLY A 208 -35.64 -5.01 36.16
N LEU A 209 -34.92 -3.91 35.93
CA LEU A 209 -33.69 -3.64 36.69
C LEU A 209 -33.99 -3.43 38.18
N ARG A 210 -35.06 -2.71 38.48
CA ARG A 210 -35.46 -2.48 39.88
C ARG A 210 -35.76 -3.80 40.59
N ALA A 211 -36.47 -4.69 39.90
CA ALA A 211 -36.79 -6.01 40.42
C ALA A 211 -35.52 -6.82 40.75
N ALA A 212 -34.45 -6.61 39.99
CA ALA A 212 -33.16 -7.23 40.29
C ALA A 212 -32.56 -6.55 41.51
N SER A 213 -32.44 -5.23 41.46
CA SER A 213 -32.00 -4.43 42.59
C SER A 213 -32.22 -2.95 42.32
N PRO A 214 -32.78 -2.20 43.29
CA PRO A 214 -32.92 -0.75 43.15
C PRO A 214 -31.61 0.01 42.94
N ALA A 215 -30.47 -0.61 43.27
CA ALA A 215 -29.18 0.02 43.14
C ALA A 215 -28.67 0.12 41.69
N LEU A 216 -29.30 -0.59 40.76
CA LEU A 216 -28.83 -0.59 39.37
C LEU A 216 -29.25 0.69 38.65
N ARG A 217 -28.38 1.15 37.74
CA ARG A 217 -28.51 2.45 37.10
C ARG A 217 -29.02 2.31 35.67
N LEU A 218 -29.95 3.19 35.26
CA LEU A 218 -30.50 3.18 33.91
C LEU A 218 -30.61 4.58 33.32
N GLY A 219 -30.18 4.74 32.07
CA GLY A 219 -30.31 6.00 31.35
C GLY A 219 -30.66 5.84 29.89
N GLY A 220 -30.68 6.95 29.17
CA GLY A 220 -31.05 6.97 27.75
C GLY A 220 -31.34 8.41 27.36
N PRO A 221 -31.81 8.63 26.11
CA PRO A 221 -32.10 7.68 25.05
C PRO A 221 -30.89 7.34 24.16
N GLY A 222 -29.78 8.05 24.33
CA GLY A 222 -28.63 7.86 23.47
C GLY A 222 -28.92 8.22 22.02
N ASP A 223 -29.41 9.44 21.80
CA ASP A 223 -29.63 9.99 20.46
C ASP A 223 -29.29 11.49 20.47
N SER A 224 -29.58 12.20 19.38
CA SER A 224 -29.00 13.53 19.17
C SER A 224 -29.85 14.74 19.63
N PHE A 225 -31.12 14.52 19.99
CA PHE A 225 -31.98 15.60 20.47
C PHE A 225 -32.00 16.81 19.53
N HIS A 226 -32.37 16.58 18.27
CA HIS A 226 -32.54 17.68 17.33
C HIS A 226 -33.80 18.46 17.67
N THR A 227 -33.90 19.68 17.14
CA THR A 227 -35.03 20.57 17.38
C THR A 227 -36.37 19.92 16.99
N PRO A 228 -37.37 19.94 17.88
CA PRO A 228 -38.70 19.44 17.53
C PRO A 228 -39.28 20.13 16.28
N PRO A 229 -40.05 19.40 15.45
CA PRO A 229 -40.58 18.05 15.63
C PRO A 229 -39.60 16.87 15.46
N ARG A 230 -38.32 17.13 15.26
CA ARG A 230 -37.33 16.05 15.15
C ARG A 230 -37.07 15.37 16.49
N SER A 231 -36.42 14.21 16.44
CA SER A 231 -36.11 13.40 17.62
C SER A 231 -37.30 13.20 18.57
N PRO A 232 -38.46 12.76 18.04
CA PRO A 232 -39.66 12.62 18.86
C PRO A 232 -39.57 11.59 20.00
N LEU A 233 -38.86 10.49 19.79
CA LEU A 233 -38.71 9.46 20.83
C LEU A 233 -37.75 9.91 21.94
N SER A 234 -36.76 10.73 21.58
CA SER A 234 -35.82 11.26 22.58
C SER A 234 -36.53 12.25 23.49
N TRP A 235 -37.16 13.27 22.90
CA TRP A 235 -37.90 14.26 23.68
C TRP A 235 -39.07 13.63 24.42
N GLY A 236 -39.71 12.63 23.79
CA GLY A 236 -40.83 11.92 24.39
C GLY A 236 -40.46 11.12 25.62
N LEU A 237 -39.27 10.53 25.62
CA LEU A 237 -38.79 9.78 26.78
C LEU A 237 -38.63 10.67 28.01
N LEU A 238 -38.02 11.84 27.81
CA LEU A 238 -37.83 12.80 28.90
C LEU A 238 -39.15 13.28 29.46
N ARG A 239 -40.13 13.53 28.58
CA ARG A 239 -41.45 13.96 29.01
C ARG A 239 -42.09 12.86 29.84
N HIS A 240 -41.98 11.63 29.34
CA HIS A 240 -42.57 10.47 29.99
C HIS A 240 -41.99 10.26 31.39
N CYS A 241 -40.67 10.33 31.50
CA CYS A 241 -40.02 10.17 32.80
C CYS A 241 -40.36 11.32 33.74
N HIS A 242 -40.50 12.51 33.18
CA HIS A 242 -40.75 13.70 33.98
C HIS A 242 -42.18 13.74 34.49
N ASP A 243 -43.14 13.51 33.58
CA ASP A 243 -44.56 13.73 33.84
C ASP A 243 -45.50 12.57 33.51
N GLY A 244 -45.00 11.53 32.88
CA GLY A 244 -45.83 10.44 32.39
C GLY A 244 -46.16 9.40 33.44
N THR A 245 -46.86 8.35 33.02
CA THR A 245 -47.31 7.29 33.92
C THR A 245 -46.56 5.99 33.65
N ASN A 246 -46.13 5.34 34.72
CA ASN A 246 -45.43 4.07 34.67
C ASN A 246 -46.38 2.95 34.21
N PHE A 247 -46.01 2.29 33.13
CA PHE A 247 -46.76 1.17 32.57
C PHE A 247 -47.17 0.12 33.62
N PHE A 248 -46.28 -0.18 34.56
CA PHE A 248 -46.50 -1.28 35.52
C PHE A 248 -47.12 -0.84 36.84
N THR A 249 -46.76 0.34 37.34
CA THR A 249 -47.19 0.80 38.65
C THR A 249 -48.27 1.88 38.63
N GLY A 250 -48.40 2.57 37.51
CA GLY A 250 -49.37 3.66 37.37
C GLY A 250 -48.97 4.96 38.07
N GLU A 251 -47.73 5.03 38.55
CA GLU A 251 -47.26 6.22 39.27
C GLU A 251 -46.76 7.30 38.31
N ALA A 252 -46.89 8.54 38.73
CA ALA A 252 -46.46 9.69 37.94
C ALA A 252 -44.95 9.84 38.02
N GLY A 253 -44.30 9.95 36.86
CA GLY A 253 -42.85 10.09 36.79
C GLY A 253 -42.18 8.73 36.82
N VAL A 254 -41.07 8.62 36.09
CA VAL A 254 -40.31 7.37 36.03
C VAL A 254 -38.81 7.66 36.17
N ARG A 255 -38.13 6.81 36.93
CA ARG A 255 -36.67 6.89 37.11
C ARG A 255 -35.92 7.14 35.79
N LEU A 256 -34.94 8.03 35.86
CA LEU A 256 -34.00 8.30 34.77
C LEU A 256 -32.69 8.78 35.39
N ASP A 257 -31.72 7.87 35.51
CA ASP A 257 -30.49 8.17 36.27
C ASP A 257 -29.52 9.04 35.50
N TYR A 258 -29.57 8.96 34.17
CA TYR A 258 -28.78 9.87 33.34
C TYR A 258 -29.42 10.06 31.98
N ILE A 259 -29.05 11.14 31.32
CA ILE A 259 -29.50 11.45 29.97
C ILE A 259 -28.32 11.34 29.02
N SER A 260 -28.38 10.39 28.10
CA SER A 260 -27.32 10.22 27.11
C SER A 260 -27.71 10.82 25.77
N LEU A 261 -26.78 11.57 25.18
CA LEU A 261 -26.94 12.08 23.83
C LEU A 261 -25.76 11.67 22.95
N HIS A 262 -25.93 11.82 21.64
CA HIS A 262 -24.84 11.68 20.68
C HIS A 262 -24.69 12.99 19.93
N ARG A 263 -23.51 13.59 19.99
CA ARG A 263 -23.20 14.75 19.18
C ARG A 263 -21.76 14.68 18.68
N LYS A 264 -21.62 14.68 17.36
CA LYS A 264 -20.33 14.52 16.71
C LYS A 264 -19.91 15.84 16.05
N GLY A 265 -18.62 16.02 15.83
CA GLY A 265 -18.05 17.33 15.53
C GLY A 265 -18.02 17.80 14.09
N ALA A 266 -18.30 16.90 13.15
CA ALA A 266 -18.06 17.18 11.73
C ALA A 266 -16.67 17.79 11.52
N ARG A 267 -15.67 17.13 12.10
CA ARG A 267 -14.25 17.52 12.04
C ARG A 267 -13.84 18.71 12.93
N SER A 268 -14.78 19.29 13.66
CA SER A 268 -14.49 20.39 14.58
C SER A 268 -14.59 19.90 16.02
N SER A 269 -13.55 20.17 16.81
CA SER A 269 -13.51 19.77 18.22
C SER A 269 -14.51 20.57 19.04
N ILE A 270 -14.42 21.90 18.94
CA ILE A 270 -15.24 22.81 19.75
C ILE A 270 -16.74 22.70 19.41
N SER A 271 -17.06 22.29 18.19
CA SER A 271 -18.45 22.13 17.76
C SER A 271 -19.20 21.10 18.61
N ILE A 272 -18.49 20.07 19.08
CA ILE A 272 -19.10 19.03 19.93
C ILE A 272 -19.63 19.67 21.22
N LEU A 273 -18.76 20.45 21.88
CA LEU A 273 -19.10 21.17 23.10
C LEU A 273 -20.22 22.18 22.88
N GLU A 274 -20.14 22.94 21.79
CA GLU A 274 -21.17 23.94 21.49
C GLU A 274 -22.54 23.30 21.38
N GLN A 275 -22.62 22.17 20.67
CA GLN A 275 -23.89 21.46 20.49
C GLN A 275 -24.45 20.92 21.81
N GLU A 276 -23.57 20.36 22.63
CA GLU A 276 -23.95 19.83 23.93
C GLU A 276 -24.52 20.90 24.86
N LYS A 277 -23.94 22.10 24.84
CA LYS A 277 -24.45 23.22 25.64
C LYS A 277 -25.86 23.61 25.24
N VAL A 278 -26.13 23.61 23.94
CA VAL A 278 -27.48 23.94 23.44
C VAL A 278 -28.49 22.93 24.00
N VAL A 279 -28.24 21.65 23.77
CA VAL A 279 -29.17 20.61 24.23
C VAL A 279 -29.33 20.58 25.75
N ALA A 280 -28.22 20.74 26.48
CA ALA A 280 -28.24 20.72 27.95
C ALA A 280 -29.11 21.83 28.53
N GLN A 281 -28.95 23.04 27.98
CA GLN A 281 -29.76 24.18 28.37
C GLN A 281 -31.24 23.96 28.07
N GLN A 282 -31.55 23.39 26.90
CA GLN A 282 -32.93 23.09 26.53
C GLN A 282 -33.57 22.12 27.53
N ILE A 283 -32.83 21.08 27.89
CA ILE A 283 -33.27 20.11 28.90
C ILE A 283 -33.52 20.79 30.24
N ARG A 284 -32.58 21.64 30.65
CA ARG A 284 -32.67 22.33 31.95
C ARG A 284 -33.95 23.15 32.06
N GLN A 285 -34.31 23.87 31.00
CA GLN A 285 -35.48 24.75 31.02
C GLN A 285 -36.79 24.03 30.76
N LEU A 286 -36.76 23.00 29.92
CA LEU A 286 -37.98 22.26 29.58
C LEU A 286 -38.33 21.18 30.61
N PHE A 287 -37.32 20.68 31.32
CA PHE A 287 -37.50 19.60 32.30
C PHE A 287 -36.78 19.91 33.61
N PRO A 288 -37.37 20.78 34.46
CA PRO A 288 -36.69 21.28 35.67
C PRO A 288 -36.24 20.20 36.67
N LYS A 289 -36.98 19.10 36.76
CA LYS A 289 -36.58 17.95 37.58
C LYS A 289 -35.27 17.32 37.12
N PHE A 290 -34.89 17.52 35.87
CA PHE A 290 -33.63 16.98 35.35
C PHE A 290 -32.48 18.00 35.33
N ALA A 291 -32.60 19.08 36.10
CA ALA A 291 -31.56 20.11 36.12
C ALA A 291 -30.21 19.58 36.65
N ASP A 292 -30.27 18.59 37.54
CA ASP A 292 -29.05 17.99 38.12
C ASP A 292 -28.80 16.56 37.61
N THR A 293 -29.55 16.14 36.61
CA THR A 293 -29.41 14.81 36.04
C THR A 293 -28.15 14.74 35.18
N PRO A 294 -27.22 13.81 35.48
CA PRO A 294 -26.00 13.68 34.70
C PRO A 294 -26.24 13.53 33.20
N ILE A 295 -25.44 14.22 32.40
CA ILE A 295 -25.50 14.12 30.94
C ILE A 295 -24.29 13.37 30.40
N TYR A 296 -24.56 12.39 29.53
CA TYR A 296 -23.52 11.62 28.85
C TYR A 296 -23.54 11.98 27.38
N ASN A 297 -22.38 12.21 26.78
CA ASN A 297 -22.27 12.14 25.32
C ASN A 297 -21.47 10.88 25.02
N ASP A 298 -22.18 9.76 24.83
CA ASP A 298 -21.48 8.48 24.65
C ASP A 298 -21.26 8.09 23.19
N GLU A 299 -21.30 9.07 22.29
CA GLU A 299 -20.68 8.97 20.95
C GLU A 299 -20.19 10.35 20.52
N ALA A 300 -19.09 10.80 21.13
CA ALA A 300 -18.62 12.17 21.01
C ALA A 300 -17.44 12.30 20.05
N ASP A 301 -17.59 11.74 18.86
CA ASP A 301 -16.48 11.57 17.92
C ASP A 301 -16.29 12.80 17.04
N PRO A 302 -15.06 13.02 16.55
CA PRO A 302 -14.79 14.10 15.60
C PRO A 302 -15.66 14.08 14.34
N LEU A 303 -15.92 12.88 13.83
CA LEU A 303 -16.64 12.72 12.57
C LEU A 303 -17.45 11.42 12.56
N VAL A 304 -18.71 11.55 12.13
CA VAL A 304 -19.62 10.41 11.96
C VAL A 304 -19.15 9.45 10.87
N GLY A 305 -19.38 8.15 11.07
CA GLY A 305 -19.01 7.13 10.11
C GLY A 305 -17.66 6.52 10.39
N TRP A 306 -17.62 5.54 11.28
CA TRP A 306 -16.37 4.97 11.78
C TRP A 306 -15.48 4.34 10.71
N SER A 307 -16.11 3.77 9.67
CA SER A 307 -15.39 2.99 8.65
C SER A 307 -14.88 3.83 7.49
N LEU A 308 -15.25 5.10 7.45
CA LEU A 308 -14.75 6.01 6.42
C LEU A 308 -13.24 6.18 6.60
N PRO A 309 -12.45 5.80 5.59
CA PRO A 309 -10.99 6.00 5.72
C PRO A 309 -10.61 7.47 5.80
N GLN A 310 -9.82 7.83 6.82
CA GLN A 310 -9.31 9.19 6.97
C GLN A 310 -7.85 9.10 7.43
N PRO A 311 -6.93 9.76 6.70
CA PRO A 311 -5.52 9.70 7.09
C PRO A 311 -5.26 10.18 8.52
N TRP A 312 -6.01 11.19 8.95
CA TRP A 312 -5.83 11.76 10.30
C TRP A 312 -6.25 10.79 11.42
N ARG A 313 -7.13 9.84 11.11
CA ARG A 313 -7.50 8.79 12.07
C ARG A 313 -6.38 7.77 12.30
N ALA A 314 -5.37 7.78 11.43
CA ALA A 314 -4.31 6.77 11.47
C ALA A 314 -3.27 7.01 12.55
N ASP A 315 -3.09 8.26 12.97
CA ASP A 315 -1.90 8.64 13.73
C ASP A 315 -2.17 9.67 14.85
N VAL A 316 -1.16 10.49 15.18
CA VAL A 316 -1.25 11.39 16.33
C VAL A 316 -2.22 12.55 16.12
N THR A 317 -2.60 12.82 14.87
CA THR A 317 -3.60 13.84 14.57
C THR A 317 -4.91 13.54 15.31
N TYR A 318 -5.40 12.32 15.17
CA TYR A 318 -6.59 11.86 15.89
C TYR A 318 -6.34 11.85 17.40
N ALA A 319 -5.20 11.33 17.82
CA ALA A 319 -4.84 11.28 19.24
C ALA A 319 -4.89 12.66 19.90
N ALA A 320 -4.26 13.64 19.27
CA ALA A 320 -4.18 14.99 19.83
C ALA A 320 -5.55 15.69 19.83
N MET A 321 -6.37 15.40 18.83
CA MET A 321 -7.72 15.98 18.78
C MET A 321 -8.61 15.44 19.91
N VAL A 322 -8.52 14.13 20.15
CA VAL A 322 -9.22 13.50 21.28
C VAL A 322 -8.88 14.17 22.62
N VAL A 323 -7.59 14.44 22.85
CA VAL A 323 -7.15 15.10 24.07
C VAL A 323 -7.68 16.53 24.14
N LYS A 324 -7.65 17.22 23.01
CA LYS A 324 -8.15 18.58 22.87
C LYS A 324 -9.63 18.69 23.24
N VAL A 325 -10.45 17.79 22.68
CA VAL A 325 -11.87 17.71 22.99
C VAL A 325 -12.09 17.56 24.50
N ILE A 326 -11.28 16.70 25.14
CA ILE A 326 -11.38 16.46 26.57
C ILE A 326 -10.97 17.69 27.39
N ALA A 327 -9.92 18.38 26.96
CA ALA A 327 -9.47 19.61 27.63
C ALA A 327 -10.53 20.70 27.53
N GLN A 328 -11.13 20.84 26.34
CA GLN A 328 -12.23 21.78 26.13
C GLN A 328 -13.40 21.53 27.07
N HIS A 329 -13.74 20.26 27.28
CA HIS A 329 -14.83 19.91 28.18
C HIS A 329 -14.50 20.20 29.65
N GLN A 330 -13.28 19.90 30.06
CA GLN A 330 -12.87 20.17 31.43
C GLN A 330 -12.78 21.68 31.68
N ASN A 331 -12.07 22.39 30.81
CA ASN A 331 -11.78 23.81 31.00
C ASN A 331 -12.93 24.77 30.66
N LEU A 332 -13.77 24.42 29.69
CA LEU A 332 -14.83 25.33 29.21
C LEU A 332 -16.25 24.89 29.57
N LEU A 333 -16.38 23.75 30.26
CA LEU A 333 -17.70 23.25 30.66
C LEU A 333 -17.75 22.89 32.14
N LEU A 334 -16.72 22.21 32.64
CA LEU A 334 -16.71 21.69 34.01
C LEU A 334 -15.92 22.52 35.01
N ALA A 335 -14.93 23.28 34.55
CA ALA A 335 -14.06 24.05 35.44
C ALA A 335 -14.72 25.33 35.95
N ASN A 336 -15.68 25.18 36.85
CA ASN A 336 -16.35 26.30 37.51
C ASN A 336 -16.93 27.34 36.54
N THR A 337 -17.71 26.85 35.57
CA THR A 337 -18.42 27.71 34.63
C THR A 337 -19.68 28.23 35.30
N THR A 338 -20.21 29.35 34.82
CA THR A 338 -21.43 29.94 35.40
C THR A 338 -22.67 29.05 35.21
N SER A 339 -22.80 28.46 34.03
CA SER A 339 -23.94 27.59 33.73
C SER A 339 -23.86 26.27 34.50
N ALA A 340 -22.66 25.67 34.53
CA ALA A 340 -22.39 24.45 35.29
C ALA A 340 -23.35 23.30 34.98
N PHE A 341 -23.33 22.85 33.72
CA PHE A 341 -24.15 21.71 33.33
C PHE A 341 -23.56 20.43 33.90
N PRO A 342 -24.42 19.48 34.31
CA PRO A 342 -23.95 18.23 34.94
C PRO A 342 -23.38 17.23 33.93
N TYR A 343 -22.31 17.61 33.25
CA TYR A 343 -21.68 16.77 32.25
C TYR A 343 -20.83 15.71 32.95
N ALA A 344 -21.12 14.43 32.69
CA ALA A 344 -20.54 13.35 33.50
C ALA A 344 -19.72 12.33 32.72
N LEU A 345 -20.01 12.15 31.43
CA LEU A 345 -19.32 11.12 30.66
C LEU A 345 -19.18 11.49 29.19
N LEU A 346 -17.99 11.19 28.65
CA LEU A 346 -17.69 11.36 27.22
C LEU A 346 -17.06 10.08 26.71
N SER A 347 -17.60 9.53 25.62
CA SER A 347 -17.07 8.29 25.04
C SER A 347 -16.73 8.46 23.57
N ASN A 348 -15.49 8.15 23.23
CA ASN A 348 -15.08 8.01 21.84
C ASN A 348 -15.44 6.60 21.37
N ASP A 349 -16.33 6.51 20.38
CA ASP A 349 -16.88 5.23 19.92
C ASP A 349 -15.94 4.56 18.92
N ASN A 350 -14.80 4.08 19.43
CA ASN A 350 -13.70 3.65 18.55
C ASN A 350 -13.11 2.27 18.90
N ALA A 351 -13.94 1.35 19.40
CA ALA A 351 -13.49 0.00 19.72
C ALA A 351 -13.69 -0.97 18.55
N PHE A 352 -14.11 -0.44 17.40
CA PHE A 352 -14.30 -1.23 16.19
C PHE A 352 -12.98 -1.86 15.76
N LEU A 353 -13.08 -2.98 15.05
CA LEU A 353 -11.92 -3.60 14.40
C LEU A 353 -11.84 -3.09 12.96
N SER A 354 -10.64 -2.70 12.53
CA SER A 354 -10.44 -2.21 11.17
C SER A 354 -10.43 -3.38 10.18
N TYR A 355 -10.62 -3.06 8.91
CA TYR A 355 -10.56 -4.09 7.88
C TYR A 355 -9.79 -3.62 6.64
N HIS A 356 -9.38 -4.62 5.85
CA HIS A 356 -8.66 -4.40 4.59
C HIS A 356 -9.51 -3.57 3.62
N PRO A 357 -8.89 -2.62 2.90
CA PRO A 357 -7.48 -2.22 2.87
C PRO A 357 -7.17 -0.96 3.69
N HIS A 358 -7.78 -0.83 4.87
CA HIS A 358 -7.64 0.37 5.71
C HIS A 358 -7.28 0.04 7.16
N PRO A 359 -6.17 -0.67 7.38
CA PRO A 359 -5.82 -1.08 8.75
C PRO A 359 -5.67 0.05 9.77
N PHE A 360 -5.16 1.21 9.33
CA PHE A 360 -4.92 2.35 10.23
C PHE A 360 -5.93 3.51 10.07
N ALA A 361 -6.56 3.61 8.91
CA ALA A 361 -7.32 4.82 8.54
C ALA A 361 -8.74 4.93 9.11
N GLN A 362 -9.20 3.91 9.84
CA GLN A 362 -10.57 3.89 10.37
C GLN A 362 -10.61 4.30 11.84
N ARG A 363 -11.81 4.63 12.35
CA ARG A 363 -11.93 5.15 13.72
C ARG A 363 -11.86 4.01 14.75
N THR A 364 -10.63 3.57 15.00
CA THR A 364 -10.37 2.41 15.83
C THR A 364 -9.19 2.67 16.75
N LEU A 365 -9.20 2.03 17.92
CA LEU A 365 -8.08 2.11 18.86
C LEU A 365 -6.91 1.25 18.40
N THR A 366 -7.22 0.13 17.75
CA THR A 366 -6.19 -0.76 17.20
C THR A 366 -6.23 -0.80 15.68
N ALA A 367 -5.12 -1.27 15.10
CA ALA A 367 -5.02 -1.51 13.67
C ALA A 367 -4.88 -3.01 13.45
N ARG A 368 -5.84 -3.61 12.76
CA ARG A 368 -5.88 -5.06 12.58
C ARG A 368 -5.17 -5.50 11.30
N PHE A 369 -4.30 -6.49 11.45
CA PHE A 369 -3.71 -7.17 10.30
C PHE A 369 -4.07 -8.65 10.31
N GLN A 370 -4.91 -9.05 9.36
CA GLN A 370 -5.21 -10.46 9.14
C GLN A 370 -4.13 -11.02 8.21
N VAL A 371 -3.23 -11.82 8.78
CA VAL A 371 -2.09 -12.38 8.04
C VAL A 371 -2.50 -13.74 7.48
N ASN A 372 -2.86 -13.76 6.20
CA ASN A 372 -3.50 -14.92 5.60
C ASN A 372 -2.56 -15.97 5.00
N ASN A 373 -1.28 -15.64 4.88
CA ASN A 373 -0.31 -16.54 4.24
C ASN A 373 0.52 -17.37 5.20
N THR A 374 0.24 -17.29 6.51
CA THR A 374 0.83 -18.21 7.49
C THR A 374 0.01 -19.49 7.59
N ARG A 375 0.59 -20.50 8.22
CA ARG A 375 -0.04 -21.82 8.39
C ARG A 375 -0.23 -22.10 9.88
N PRO A 376 -1.44 -21.86 10.42
CA PRO A 376 -2.64 -21.32 9.78
C PRO A 376 -2.65 -19.79 9.72
N PRO A 377 -3.64 -19.20 9.04
CA PRO A 377 -3.83 -17.75 9.07
C PRO A 377 -3.99 -17.24 10.49
N HIS A 378 -3.39 -16.09 10.80
CA HIS A 378 -3.51 -15.51 12.13
C HIS A 378 -3.79 -14.01 12.07
N VAL A 379 -4.12 -13.45 13.22
CA VAL A 379 -4.43 -12.02 13.33
C VAL A 379 -3.49 -11.34 14.31
N GLN A 380 -3.04 -10.14 13.96
CA GLN A 380 -2.22 -9.30 14.82
C GLN A 380 -2.87 -7.94 14.93
N LEU A 381 -2.69 -7.28 16.09
CA LEU A 381 -3.16 -5.92 16.28
C LEU A 381 -2.00 -5.00 16.63
N LEU A 382 -2.06 -3.77 16.14
CA LEU A 382 -1.14 -2.73 16.61
C LEU A 382 -1.86 -1.65 17.39
N ARG A 383 -1.12 -1.08 18.32
CA ARG A 383 -1.61 -0.01 19.19
C ARG A 383 -1.47 1.31 18.43
N LYS A 384 -2.61 1.95 18.13
CA LYS A 384 -2.58 3.24 17.42
C LYS A 384 -2.39 4.37 18.42
N PRO A 385 -1.76 5.48 18.00
CA PRO A 385 -1.43 6.56 18.93
C PRO A 385 -2.60 7.05 19.78
N VAL A 386 -3.81 7.01 19.22
CA VAL A 386 -5.00 7.36 19.98
C VAL A 386 -5.18 6.49 21.23
N LEU A 387 -4.91 5.20 21.11
CA LEU A 387 -4.93 4.29 22.25
C LEU A 387 -3.80 4.62 23.24
N THR A 388 -2.61 4.91 22.71
CA THR A 388 -1.48 5.32 23.56
C THR A 388 -1.81 6.62 24.30
N ALA A 389 -2.52 7.52 23.63
CA ALA A 389 -2.91 8.80 24.23
C ALA A 389 -3.86 8.63 25.42
N MET A 390 -4.68 7.58 25.39
CA MET A 390 -5.56 7.27 26.52
C MET A 390 -4.73 6.88 27.76
N GLY A 391 -3.52 6.36 27.54
CA GLY A 391 -2.59 6.04 28.61
C GLY A 391 -1.96 7.26 29.26
N LEU A 392 -1.73 8.31 28.46
CA LEU A 392 -1.20 9.58 28.98
C LEU A 392 -2.28 10.33 29.76
N LEU A 393 -3.51 10.34 29.22
CA LEU A 393 -4.67 10.92 29.91
C LEU A 393 -4.93 10.23 31.25
N ALA A 394 -4.73 8.92 31.29
CA ALA A 394 -4.96 8.11 32.49
C ALA A 394 -4.05 8.49 33.67
N LEU A 395 -2.94 9.19 33.40
CA LEU A 395 -2.04 9.66 34.46
C LEU A 395 -2.51 10.95 35.13
N LEU A 396 -3.58 11.57 34.59
CA LEU A 396 -4.17 12.74 35.25
C LEU A 396 -4.86 12.33 36.55
N ASP A 397 -4.65 13.13 37.60
CA ASP A 397 -5.11 12.81 38.95
C ASP A 397 -6.33 13.64 39.39
N GLU A 398 -6.74 13.47 40.64
CA GLU A 398 -8.09 13.86 41.09
C GLU A 398 -8.35 15.35 41.34
N GLU A 399 -7.33 16.21 41.22
CA GLU A 399 -7.48 17.65 41.42
C GLU A 399 -6.90 18.41 40.25
N GLN A 400 -7.63 19.39 39.73
CA GLN A 400 -7.12 20.22 38.64
C GLN A 400 -6.32 21.37 39.19
N LEU A 401 -5.16 21.61 38.58
CA LEU A 401 -4.28 22.72 38.95
C LEU A 401 -4.56 23.93 38.05
N TRP A 402 -4.28 25.11 38.57
CA TRP A 402 -4.43 26.35 37.81
C TRP A 402 -3.41 26.39 36.67
N ALA A 403 -3.90 26.75 35.48
CA ALA A 403 -3.06 26.83 34.30
C ALA A 403 -3.52 27.94 33.36
N GLU A 404 -2.57 28.57 32.68
CA GLU A 404 -2.88 29.61 31.70
C GLU A 404 -1.98 29.48 30.48
N VAL A 405 -2.59 29.48 29.30
CA VAL A 405 -1.85 29.52 28.04
C VAL A 405 -2.02 30.90 27.45
N SER A 406 -0.94 31.45 26.90
CA SER A 406 -0.98 32.77 26.26
C SER A 406 0.06 32.90 25.16
N GLN A 407 -0.12 33.90 24.31
CA GLN A 407 0.83 34.21 23.25
C GLN A 407 0.88 35.72 23.04
N ALA A 408 2.07 36.30 23.24
CA ALA A 408 2.27 37.75 23.15
C ALA A 408 1.31 38.51 24.06
N GLY A 409 1.12 38.00 25.28
CA GLY A 409 0.23 38.64 26.26
C GLY A 409 -1.24 38.33 26.12
N THR A 410 -1.64 37.66 25.03
CA THR A 410 -3.04 37.33 24.77
C THR A 410 -3.38 35.94 25.32
N VAL A 411 -4.24 35.90 26.33
CA VAL A 411 -4.66 34.64 26.96
C VAL A 411 -5.54 33.83 26.01
N LEU A 412 -5.19 32.55 25.83
CA LEU A 412 -5.90 31.65 24.92
C LEU A 412 -6.48 30.48 25.70
N ASP A 413 -7.79 30.30 25.60
CA ASP A 413 -8.44 29.14 26.22
C ASP A 413 -8.30 27.89 25.32
N SER A 414 -8.85 26.77 25.75
CA SER A 414 -8.70 25.49 25.03
C SER A 414 -9.35 25.46 23.64
N ASN A 415 -10.11 26.51 23.29
CA ASN A 415 -10.65 26.70 21.95
C ASN A 415 -9.57 27.27 21.01
N HIS A 416 -8.36 26.70 21.08
CA HIS A 416 -7.23 27.12 20.24
C HIS A 416 -6.34 25.90 19.98
N THR A 417 -5.38 26.05 19.08
CA THR A 417 -4.53 24.92 18.66
C THR A 417 -3.61 24.39 19.76
N VAL A 418 -3.28 25.23 20.73
CA VAL A 418 -2.42 24.82 21.83
C VAL A 418 -3.15 24.98 23.16
N GLY A 419 -3.12 23.94 23.99
CA GLY A 419 -3.75 24.01 25.31
C GLY A 419 -3.18 23.02 26.30
N VAL A 420 -3.71 23.03 27.51
CA VAL A 420 -3.16 22.23 28.60
C VAL A 420 -4.23 21.75 29.58
N LEU A 421 -4.02 20.55 30.12
CA LEU A 421 -4.73 20.06 31.31
C LEU A 421 -3.66 19.69 32.33
N ALA A 422 -3.87 20.11 33.58
CA ALA A 422 -2.87 19.91 34.64
C ALA A 422 -3.54 19.46 35.95
N SER A 423 -3.02 18.38 36.52
CA SER A 423 -3.60 17.80 37.73
C SER A 423 -2.59 17.68 38.89
N ALA A 424 -3.11 17.54 40.10
CA ALA A 424 -2.30 17.23 41.29
C ALA A 424 -2.92 16.06 42.04
N HIS A 425 -2.09 15.36 42.83
CA HIS A 425 -2.53 14.19 43.59
C HIS A 425 -2.16 14.33 45.07
N ARG A 426 -3.15 14.16 45.94
CA ARG A 426 -2.91 14.12 47.38
C ARG A 426 -2.51 12.70 47.78
N PRO A 427 -1.37 12.54 48.48
CA PRO A 427 -0.89 11.22 48.91
C PRO A 427 -1.94 10.41 49.69
N GLN A 428 -2.08 9.14 49.34
CA GLN A 428 -3.08 8.25 49.95
C GLN A 428 -2.48 7.47 51.12
N GLY A 429 -1.35 6.82 50.88
CA GLY A 429 -0.67 6.03 51.92
C GLY A 429 0.84 5.99 51.71
N PRO A 430 1.53 5.01 52.34
CA PRO A 430 2.97 4.84 52.16
C PRO A 430 3.39 4.38 50.76
N ALA A 431 2.44 3.80 50.01
CA ALA A 431 2.70 3.29 48.66
C ALA A 431 2.69 4.37 47.56
N ASP A 432 2.36 5.61 47.93
CA ASP A 432 2.37 6.71 46.96
C ASP A 432 2.77 8.04 47.60
N ALA A 433 2.92 9.06 46.77
CA ALA A 433 3.29 10.40 47.22
C ALA A 433 2.68 11.46 46.30
N TRP A 434 3.07 12.72 46.50
CA TRP A 434 2.56 13.81 45.69
C TRP A 434 3.01 13.67 44.23
N ARG A 435 2.08 13.95 43.30
CA ARG A 435 2.34 13.90 41.87
C ARG A 435 1.70 15.08 41.14
N ALA A 436 2.34 15.54 40.08
CA ALA A 436 1.74 16.49 39.15
C ALA A 436 1.89 15.97 37.73
N ALA A 437 0.80 16.07 36.96
CA ALA A 437 0.78 15.66 35.55
C ALA A 437 0.29 16.81 34.67
N VAL A 438 1.17 17.30 33.80
CA VAL A 438 0.85 18.38 32.87
C VAL A 438 0.81 17.86 31.44
N LEU A 439 -0.40 17.81 30.87
CA LEU A 439 -0.62 17.31 29.51
C LEU A 439 -0.91 18.48 28.57
N ILE A 440 0.01 18.70 27.63
CA ILE A 440 -0.07 19.80 26.69
C ILE A 440 -0.29 19.21 25.30
N TYR A 441 -1.28 19.74 24.58
CA TYR A 441 -1.55 19.31 23.21
C TYR A 441 -1.24 20.43 22.22
N ALA A 442 -0.81 20.03 21.04
CA ALA A 442 -0.78 20.91 19.88
C ALA A 442 -1.61 20.19 18.82
N SER A 443 -2.78 20.76 18.49
CA SER A 443 -3.73 20.12 17.60
C SER A 443 -4.57 21.11 16.82
N ASP A 444 -4.62 20.95 15.50
CA ASP A 444 -5.53 21.71 14.64
C ASP A 444 -6.64 20.79 14.15
N ASP A 445 -7.29 20.13 15.12
CA ASP A 445 -8.35 19.18 14.85
C ASP A 445 -7.91 18.09 13.84
N THR A 446 -8.57 17.97 12.69
CA THR A 446 -8.28 16.90 11.74
C THR A 446 -7.12 17.23 10.79
N ARG A 447 -6.58 18.45 10.88
CA ARG A 447 -5.48 18.89 10.00
C ARG A 447 -4.12 18.75 10.67
N ALA A 448 -3.20 18.08 9.97
CA ALA A 448 -1.80 18.02 10.39
C ALA A 448 -1.00 19.09 9.66
N HIS A 449 0.11 19.53 10.27
CA HIS A 449 0.99 20.52 9.65
C HIS A 449 2.46 20.09 9.81
N PRO A 450 2.92 19.19 8.93
CA PRO A 450 4.28 18.66 9.00
C PRO A 450 5.36 19.74 8.90
N ASN A 451 5.07 20.79 8.13
CA ASN A 451 6.00 21.88 7.90
C ASN A 451 6.22 22.77 9.13
N ARG A 452 5.21 22.86 10.00
CA ARG A 452 5.22 23.83 11.11
C ARG A 452 5.84 23.27 12.40
N SER A 453 6.37 24.18 13.21
CA SER A 453 6.93 23.87 14.52
C SER A 453 6.43 24.90 15.54
N VAL A 454 5.94 24.43 16.68
CA VAL A 454 5.32 25.30 17.68
C VAL A 454 6.23 25.48 18.90
N ALA A 455 6.82 26.68 19.00
CA ALA A 455 7.65 27.04 20.15
C ALA A 455 6.79 27.22 21.40
N VAL A 456 7.12 26.48 22.46
CA VAL A 456 6.36 26.52 23.70
C VAL A 456 7.30 26.68 24.88
N THR A 457 6.94 27.58 25.80
CA THR A 457 7.66 27.75 27.06
C THR A 457 6.74 27.37 28.22
N LEU A 458 7.05 26.25 28.87
CA LEU A 458 6.31 25.79 30.04
C LEU A 458 6.97 26.33 31.29
N ARG A 459 6.22 27.08 32.09
CA ARG A 459 6.72 27.58 33.38
C ARG A 459 5.92 27.00 34.54
N LEU A 460 6.45 25.91 35.11
CA LEU A 460 5.85 25.28 36.28
C LEU A 460 6.33 25.98 37.55
N ARG A 461 5.38 26.37 38.40
CA ARG A 461 5.68 27.05 39.67
C ARG A 461 4.93 26.39 40.83
N GLY A 462 5.44 26.62 42.03
CA GLY A 462 4.73 26.30 43.27
C GLY A 462 4.66 24.83 43.65
N VAL A 463 5.62 24.05 43.17
CA VAL A 463 5.65 22.62 43.49
C VAL A 463 5.98 22.48 44.98
N PRO A 464 5.14 21.75 45.74
CA PRO A 464 5.41 21.58 47.17
C PRO A 464 6.65 20.74 47.41
N PRO A 465 7.46 21.10 48.43
CA PRO A 465 8.71 20.39 48.68
C PRO A 465 8.50 18.95 49.13
N GLY A 466 9.44 18.08 48.80
CA GLY A 466 9.34 16.66 49.13
C GLY A 466 10.58 15.88 48.72
N PRO A 467 10.62 14.58 49.08
CA PRO A 467 11.79 13.74 48.84
C PRO A 467 11.96 13.34 47.37
N GLY A 468 13.21 13.24 46.94
CA GLY A 468 13.56 12.79 45.59
C GLY A 468 12.60 13.24 44.49
N LEU A 469 12.33 14.54 44.44
CA LEU A 469 11.44 15.09 43.42
C LEU A 469 12.10 15.03 42.05
N VAL A 470 11.49 14.25 41.15
CA VAL A 470 11.98 14.11 39.77
C VAL A 470 10.87 14.38 38.77
N TYR A 471 11.24 14.67 37.53
CA TYR A 471 10.26 14.78 36.45
C TYR A 471 10.62 13.88 35.27
N VAL A 472 9.60 13.45 34.54
CA VAL A 472 9.74 12.61 33.36
C VAL A 472 8.84 13.15 32.26
N THR A 473 9.39 13.32 31.05
CA THR A 473 8.62 13.79 29.91
C THR A 473 8.29 12.64 28.96
N ARG A 474 7.07 12.64 28.44
CA ARG A 474 6.63 11.67 27.44
C ARG A 474 6.04 12.42 26.25
N TYR A 475 6.63 12.22 25.07
CA TYR A 475 6.30 13.00 23.88
C TYR A 475 5.85 12.11 22.72
N LEU A 476 4.75 12.50 22.08
CA LEU A 476 4.21 11.82 20.90
C LEU A 476 4.13 12.78 19.74
N ASP A 477 4.65 12.37 18.58
CA ASP A 477 4.29 13.02 17.31
C ASP A 477 4.36 12.02 16.15
N ASN A 478 3.99 12.46 14.95
CA ASN A 478 3.90 11.57 13.80
C ASN A 478 5.25 11.12 13.24
N GLY A 479 6.30 11.89 13.52
CA GLY A 479 7.64 11.53 13.05
C GLY A 479 8.23 10.37 13.82
N LEU A 480 8.10 10.42 15.14
CA LEU A 480 8.84 9.51 16.02
C LEU A 480 8.03 8.33 16.51
N CYS A 481 6.72 8.48 16.59
CA CYS A 481 5.93 7.49 17.30
C CYS A 481 4.55 7.29 16.62
N SER A 482 4.61 6.94 15.32
CA SER A 482 3.44 6.61 14.49
C SER A 482 3.64 5.27 13.78
N PRO A 483 2.98 4.20 14.26
CA PRO A 483 3.05 2.89 13.58
C PRO A 483 2.58 2.89 12.13
N ASP A 484 1.60 3.75 11.80
CA ASP A 484 1.18 3.91 10.40
C ASP A 484 2.34 4.42 9.54
N GLY A 485 3.05 5.42 10.05
CA GLY A 485 4.19 5.99 9.34
C GLY A 485 5.29 4.97 9.07
N GLU A 486 5.53 4.09 10.04
CA GLU A 486 6.51 3.02 9.86
C GLU A 486 6.01 1.99 8.85
N TRP A 487 4.73 1.63 8.95
CA TRP A 487 4.10 0.74 7.98
C TRP A 487 4.36 1.24 6.55
N ARG A 488 4.16 2.54 6.34
CA ARG A 488 4.32 3.14 5.03
C ARG A 488 5.78 3.25 4.57
N ARG A 489 6.70 3.44 5.51
CA ARG A 489 8.13 3.40 5.21
C ARG A 489 8.59 2.00 4.79
N LEU A 490 7.95 0.97 5.33
CA LEU A 490 8.22 -0.42 4.96
C LEU A 490 7.58 -0.80 3.61
N GLY A 491 6.75 0.09 3.05
CA GLY A 491 6.12 -0.13 1.75
C GLY A 491 4.70 -0.64 1.82
N ARG A 492 4.05 -0.46 2.97
CA ARG A 492 2.66 -0.88 3.18
C ARG A 492 2.43 -2.39 2.95
N PRO A 493 3.21 -3.25 3.61
CA PRO A 493 2.98 -4.69 3.45
C PRO A 493 1.59 -5.12 3.91
N VAL A 494 0.89 -5.86 3.06
CA VAL A 494 -0.47 -6.32 3.38
C VAL A 494 -0.47 -7.43 4.44
N PHE A 495 0.50 -8.34 4.35
CA PHE A 495 0.68 -9.40 5.35
C PHE A 495 2.06 -9.24 5.99
N PRO A 496 2.18 -8.37 7.01
CA PRO A 496 3.51 -8.07 7.54
C PRO A 496 4.21 -9.28 8.15
N THR A 497 5.53 -9.32 8.01
CA THR A 497 6.34 -10.37 8.61
C THR A 497 6.62 -10.05 10.08
N ALA A 498 7.22 -11.00 10.78
CA ALA A 498 7.57 -10.81 12.18
C ALA A 498 8.46 -9.58 12.37
N GLU A 499 9.45 -9.42 11.48
CA GLU A 499 10.34 -8.26 11.52
C GLU A 499 9.60 -6.95 11.27
N GLN A 500 8.72 -6.95 10.29
CA GLN A 500 7.96 -5.75 9.95
C GLN A 500 7.05 -5.34 11.10
N PHE A 501 6.47 -6.31 11.81
CA PHE A 501 5.67 -6.03 13.00
C PHE A 501 6.53 -5.41 14.11
N ARG A 502 7.73 -5.94 14.34
CA ARG A 502 8.63 -5.40 15.36
C ARG A 502 8.93 -3.92 15.09
N ARG A 503 9.19 -3.60 13.83
CA ARG A 503 9.53 -2.23 13.45
C ARG A 503 8.34 -1.28 13.60
N MET A 504 7.15 -1.75 13.26
CA MET A 504 5.94 -0.96 13.44
C MET A 504 5.63 -0.75 14.92
N ARG A 505 5.77 -1.82 15.73
CA ARG A 505 5.51 -1.74 17.17
C ARG A 505 6.51 -0.86 17.91
N ALA A 506 7.71 -0.68 17.33
CA ALA A 506 8.73 0.19 17.92
C ALA A 506 8.31 1.65 17.97
N ALA A 507 7.26 2.01 17.22
CA ALA A 507 6.75 3.38 17.19
C ALA A 507 5.53 3.60 18.08
N GLU A 508 5.03 2.54 18.72
CA GLU A 508 3.83 2.62 19.56
C GLU A 508 3.95 3.56 20.76
N ASP A 509 5.06 3.45 21.49
CA ASP A 509 5.25 4.19 22.75
C ASP A 509 5.75 5.60 22.50
N PRO A 510 5.51 6.51 23.45
CA PRO A 510 6.05 7.86 23.35
C PRO A 510 7.54 7.92 23.64
N VAL A 511 8.21 8.93 23.09
CA VAL A 511 9.61 9.18 23.39
C VAL A 511 9.69 9.64 24.85
N ALA A 512 10.31 8.82 25.69
CA ALA A 512 10.40 9.08 27.12
C ALA A 512 11.83 9.44 27.52
N ALA A 513 11.98 10.52 28.27
CA ALA A 513 13.28 10.94 28.79
C ALA A 513 13.46 10.42 30.21
N ALA A 514 14.68 10.01 30.54
CA ALA A 514 14.99 9.46 31.85
C ALA A 514 14.69 10.45 32.97
N PRO A 515 14.25 9.96 34.13
CA PRO A 515 13.92 10.85 35.27
C PRO A 515 15.08 11.75 35.68
N ARG A 516 14.82 13.06 35.72
CA ARG A 516 15.81 14.06 36.13
C ARG A 516 15.34 14.76 37.41
N PRO A 517 16.28 15.09 38.32
CA PRO A 517 15.89 15.79 39.55
C PRO A 517 15.28 17.17 39.27
N LEU A 518 14.24 17.51 40.02
CA LEU A 518 13.57 18.81 39.85
C LEU A 518 14.46 19.92 40.40
N PRO A 519 14.60 21.03 39.66
CA PRO A 519 15.35 22.18 40.16
C PRO A 519 14.85 22.72 41.50
N ALA A 520 15.70 23.50 42.18
CA ALA A 520 15.38 24.03 43.50
C ALA A 520 14.23 25.04 43.45
N GLY A 521 13.58 25.22 44.59
CA GLY A 521 12.45 26.14 44.72
C GLY A 521 11.13 25.60 44.19
N GLY A 522 11.10 24.32 43.81
CA GLY A 522 9.90 23.71 43.26
C GLY A 522 9.46 24.36 41.96
N ARG A 523 10.43 24.56 41.06
CA ARG A 523 10.18 25.22 39.78
C ARG A 523 10.77 24.41 38.63
N LEU A 524 10.16 24.53 37.46
CA LEU A 524 10.68 23.90 36.25
C LEU A 524 10.30 24.72 35.02
N THR A 525 11.30 25.12 34.26
CA THR A 525 11.09 25.84 33.00
C THR A 525 11.63 24.98 31.85
N LEU A 526 10.75 24.62 30.93
CA LEU A 526 11.11 23.84 29.74
C LEU A 526 10.67 24.58 28.49
N ARG A 527 11.45 24.43 27.42
CA ARG A 527 11.17 25.07 26.14
C ARG A 527 11.18 24.04 25.01
N PRO A 528 10.17 23.14 24.99
CA PRO A 528 10.10 22.14 23.94
C PRO A 528 9.64 22.75 22.61
N ALA A 529 10.08 22.15 21.51
CA ALA A 529 9.62 22.50 20.17
C ALA A 529 8.59 21.47 19.74
N LEU A 530 7.32 21.79 19.94
CA LEU A 530 6.23 20.85 19.66
C LEU A 530 5.83 20.87 18.18
N ARG A 531 5.54 19.70 17.62
N ARG A 531 5.52 19.69 17.65
CA ARG A 531 5.07 19.61 16.25
CA ARG A 531 5.07 19.56 16.27
C ARG A 531 3.56 19.64 16.23
C ARG A 531 3.54 19.68 16.24
N LEU A 532 2.99 19.79 15.04
CA LEU A 532 1.54 19.90 14.87
C LEU A 532 1.05 18.79 13.94
N PRO A 533 0.49 17.70 14.50
CA PRO A 533 0.09 17.45 15.89
C PRO A 533 1.20 16.94 16.82
N SER A 534 1.00 17.12 18.12
CA SER A 534 1.81 16.45 19.15
C SER A 534 1.17 16.51 20.54
N LEU A 535 1.67 15.65 21.43
CA LEU A 535 1.28 15.64 22.83
C LEU A 535 2.54 15.58 23.69
N LEU A 536 2.54 16.32 24.79
CA LEU A 536 3.65 16.31 25.74
C LEU A 536 3.10 16.15 27.16
N LEU A 537 3.54 15.10 27.84
CA LEU A 537 3.18 14.90 29.25
C LEU A 537 4.42 15.09 30.11
N VAL A 538 4.38 16.11 30.98
CA VAL A 538 5.42 16.32 31.98
C VAL A 538 4.90 15.78 33.30
N HIS A 539 5.60 14.81 33.87
CA HIS A 539 5.17 14.09 35.06
C HIS A 539 6.17 14.34 36.19
N VAL A 540 5.73 15.08 37.20
CA VAL A 540 6.60 15.43 38.34
C VAL A 540 6.17 14.67 39.59
N CYS A 541 7.06 13.84 40.13
CA CYS A 541 6.72 12.93 41.21
C CYS A 541 7.65 13.04 42.43
N ALA A 542 7.03 13.10 43.60
CA ALA A 542 7.75 12.95 44.87
C ALA A 542 7.91 11.46 45.15
N ARG A 543 8.92 11.08 45.94
CA ARG A 543 9.23 9.68 46.19
C ARG A 543 8.36 9.10 47.32
N PRO A 544 7.59 8.02 47.03
CA PRO A 544 6.86 7.33 48.09
C PRO A 544 7.78 6.56 49.04
N GLU A 545 7.28 6.27 50.24
CA GLU A 545 8.06 5.55 51.25
C GLU A 545 8.36 4.12 50.80
N LYS A 546 7.31 3.38 50.44
CA LYS A 546 7.44 1.99 50.00
C LYS A 546 7.65 1.92 48.48
N PRO A 547 8.23 0.80 48.01
CA PRO A 547 8.32 0.55 46.57
C PRO A 547 6.96 0.16 45.97
N PRO A 548 6.89 0.08 44.63
CA PRO A 548 5.61 -0.28 43.98
C PRO A 548 5.09 -1.66 44.36
N GLY A 549 3.79 -1.86 44.20
CA GLY A 549 3.15 -3.14 44.53
C GLY A 549 3.30 -4.21 43.47
N GLN A 550 2.60 -5.32 43.67
CA GLN A 550 2.75 -6.51 42.82
C GLN A 550 1.90 -6.41 41.55
N VAL A 551 2.51 -6.72 40.41
CA VAL A 551 1.80 -6.89 39.16
C VAL A 551 0.93 -8.14 39.26
N THR A 552 -0.29 -8.06 38.74
CA THR A 552 -1.26 -9.14 38.92
C THR A 552 -1.94 -9.56 37.63
N ARG A 553 -2.53 -10.77 37.67
CA ARG A 553 -3.36 -11.30 36.59
C ARG A 553 -2.64 -11.36 35.24
N LEU A 554 -1.39 -11.85 35.28
CA LEU A 554 -0.59 -12.00 34.06
C LEU A 554 -1.21 -13.10 33.18
N ARG A 555 -1.22 -12.86 31.88
CA ARG A 555 -1.75 -13.81 30.90
C ARG A 555 -0.85 -13.89 29.67
N ALA A 556 -0.80 -15.08 29.08
CA ALA A 556 -0.12 -15.29 27.81
C ALA A 556 -1.17 -15.62 26.75
N LEU A 557 -1.17 -14.88 25.65
CA LEU A 557 -2.10 -15.10 24.55
C LEU A 557 -1.34 -15.37 23.27
N PRO A 558 -1.54 -16.54 22.63
CA PRO A 558 -0.80 -16.87 21.40
C PRO A 558 -1.22 -16.02 20.20
N LEU A 559 -0.24 -15.64 19.38
CA LEU A 559 -0.50 -14.92 18.13
C LEU A 559 -0.23 -15.84 16.94
N THR A 560 1.00 -16.35 16.89
CA THR A 560 1.43 -17.28 15.85
C THR A 560 2.71 -17.95 16.35
N GLN A 561 3.38 -18.71 15.48
CA GLN A 561 4.63 -19.37 15.85
C GLN A 561 5.67 -18.34 16.32
N GLY A 562 6.21 -18.55 17.51
CA GLY A 562 7.28 -17.70 18.07
C GLY A 562 6.86 -16.27 18.36
N GLN A 563 5.57 -16.08 18.62
CA GLN A 563 5.00 -14.73 18.76
C GLN A 563 3.82 -14.81 19.74
N LEU A 564 3.80 -13.92 20.74
CA LEU A 564 2.84 -14.02 21.84
C LEU A 564 2.62 -12.68 22.55
N VAL A 565 1.40 -12.49 23.08
CA VAL A 565 1.04 -11.29 23.83
C VAL A 565 1.13 -11.58 25.33
N LEU A 566 1.83 -10.71 26.06
CA LEU A 566 1.82 -10.74 27.52
C LEU A 566 1.00 -9.54 28.00
N VAL A 567 -0.01 -9.81 28.82
CA VAL A 567 -0.91 -8.77 29.32
C VAL A 567 -1.16 -8.97 30.82
N TRP A 568 -1.25 -7.87 31.56
CA TRP A 568 -1.37 -7.92 33.02
C TRP A 568 -2.19 -6.75 33.57
N SER A 569 -2.53 -6.84 34.85
CA SER A 569 -3.24 -5.78 35.57
C SER A 569 -2.26 -4.95 36.41
N ASP A 570 -2.63 -3.69 36.66
CA ASP A 570 -1.80 -2.78 37.45
C ASP A 570 -2.54 -2.26 38.69
N GLU A 571 -3.63 -2.94 39.07
CA GLU A 571 -4.51 -2.45 40.14
C GLU A 571 -3.83 -2.34 41.51
N HIS A 572 -2.92 -3.27 41.80
CA HIS A 572 -2.25 -3.30 43.11
C HIS A 572 -0.85 -2.69 43.11
N VAL A 573 -0.47 -2.03 42.01
CA VAL A 573 0.86 -1.42 41.91
C VAL A 573 0.96 -0.18 42.82
N GLY A 574 -0.15 0.55 42.96
CA GLY A 574 -0.28 1.57 44.00
C GLY A 574 0.35 2.93 43.76
N SER A 575 0.98 3.10 42.60
CA SER A 575 1.60 4.39 42.23
C SER A 575 1.63 4.56 40.72
N LYS A 576 1.49 5.80 40.26
CA LYS A 576 1.51 6.11 38.82
C LYS A 576 2.90 6.47 38.31
N CYS A 577 3.85 6.68 39.21
CA CYS A 577 5.19 7.11 38.82
C CYS A 577 6.05 5.89 38.45
N LEU A 578 5.78 5.35 37.26
CA LEU A 578 6.42 4.13 36.78
C LEU A 578 7.22 4.40 35.51
N TRP A 579 8.43 3.83 35.45
CA TRP A 579 9.29 3.98 34.29
C TRP A 579 8.97 2.90 33.25
N THR A 580 8.90 1.65 33.70
CA THR A 580 8.59 0.54 32.81
C THR A 580 8.08 -0.66 33.60
N TYR A 581 7.83 -1.76 32.89
CA TYR A 581 7.53 -3.05 33.50
C TYR A 581 8.61 -4.03 33.05
N GLU A 582 9.38 -4.56 34.00
CA GLU A 582 10.41 -5.55 33.69
C GLU A 582 9.76 -6.92 33.46
N ILE A 583 9.99 -7.48 32.29
CA ILE A 583 9.53 -8.83 31.95
C ILE A 583 10.73 -9.79 31.95
N GLN A 584 10.54 -10.95 32.56
CA GLN A 584 11.58 -11.99 32.61
C GLN A 584 11.04 -13.32 32.09
N PHE A 585 11.90 -14.07 31.41
CA PHE A 585 11.53 -15.33 30.76
C PHE A 585 12.52 -16.44 31.16
N SER A 586 11.97 -17.60 31.53
CA SER A 586 12.78 -18.72 32.03
C SER A 586 12.59 -20.00 31.23
N GLN A 587 13.68 -20.72 31.03
CA GLN A 587 13.66 -22.09 30.50
C GLN A 587 14.48 -23.07 31.36
N ASP A 588 15.26 -22.55 32.31
CA ASP A 588 16.16 -23.35 33.15
C ASP A 588 17.14 -24.18 32.32
N TYR A 592 15.44 -17.46 35.26
CA TYR A 592 14.84 -16.28 34.63
C TYR A 592 15.89 -15.29 34.17
N THR A 593 15.74 -14.80 32.93
CA THR A 593 16.60 -13.75 32.40
C THR A 593 15.73 -12.59 31.94
N PRO A 594 16.24 -11.35 32.06
CA PRO A 594 15.45 -10.18 31.69
C PRO A 594 15.28 -10.04 30.18
N VAL A 595 14.04 -9.89 29.74
CA VAL A 595 13.73 -9.62 28.35
C VAL A 595 13.98 -8.13 28.11
N SER A 596 14.97 -7.83 27.29
CA SER A 596 15.40 -6.46 27.03
C SER A 596 14.42 -5.74 26.12
N ARG A 597 13.89 -4.61 26.59
CA ARG A 597 13.00 -3.77 25.78
C ARG A 597 13.08 -2.32 26.21
N LYS A 598 12.81 -1.42 25.27
CA LYS A 598 12.74 0.01 25.55
C LYS A 598 11.52 0.32 26.45
N PRO A 599 11.64 1.34 27.31
CA PRO A 599 10.67 1.60 28.38
C PRO A 599 9.21 1.77 27.90
N SER A 600 8.27 1.24 28.68
CA SER A 600 6.85 1.31 28.38
C SER A 600 6.02 0.96 29.60
N THR A 601 4.99 1.76 29.87
CA THR A 601 4.10 1.54 31.01
C THR A 601 2.73 1.00 30.57
N PHE A 602 2.57 0.74 29.27
CA PHE A 602 1.34 0.13 28.75
C PHE A 602 1.33 -1.33 29.20
N ASN A 603 0.20 -1.81 29.69
CA ASN A 603 0.15 -3.13 30.33
C ASN A 603 0.03 -4.31 29.36
N LEU A 604 0.68 -4.18 28.20
CA LEU A 604 0.64 -5.21 27.15
C LEU A 604 1.97 -5.20 26.41
N PHE A 605 2.55 -6.38 26.21
CA PHE A 605 3.78 -6.52 25.45
C PHE A 605 3.71 -7.73 24.52
N VAL A 606 4.05 -7.53 23.25
CA VAL A 606 4.19 -8.63 22.31
C VAL A 606 5.62 -9.13 22.33
N PHE A 607 5.80 -10.37 22.79
CA PHE A 607 7.10 -11.02 22.83
C PHE A 607 7.31 -11.77 21.51
N SER A 608 8.34 -11.37 20.77
CA SER A 608 8.64 -11.93 19.45
C SER A 608 10.16 -12.02 19.26
N PRO A 609 10.81 -13.01 19.90
CA PRO A 609 12.26 -13.16 19.83
C PRO A 609 12.73 -13.72 18.48
N ASP A 610 13.91 -13.31 18.05
CA ASP A 610 14.54 -13.83 16.83
C ASP A 610 14.62 -15.35 16.80
N THR A 611 14.98 -15.94 17.93
CA THR A 611 15.09 -17.40 18.06
C THR A 611 13.76 -18.11 17.84
N GLY A 612 12.67 -17.45 18.22
CA GLY A 612 11.34 -18.05 18.14
C GLY A 612 11.00 -18.92 19.34
N ALA A 613 11.92 -18.97 20.31
CA ALA A 613 11.73 -19.77 21.52
C ALA A 613 10.89 -18.98 22.52
N VAL A 614 9.63 -19.37 22.65
CA VAL A 614 8.70 -18.71 23.58
C VAL A 614 8.16 -19.64 24.67
N SER A 615 8.44 -20.94 24.56
CA SER A 615 7.95 -21.91 25.52
C SER A 615 8.76 -21.86 26.82
N GLY A 616 8.04 -21.81 27.94
CA GLY A 616 8.66 -21.65 29.26
C GLY A 616 7.71 -20.94 30.22
N SER A 617 8.27 -20.10 31.09
CA SER A 617 7.47 -19.35 32.06
C SER A 617 7.84 -17.87 32.09
N TYR A 618 6.85 -17.03 32.33
CA TYR A 618 7.02 -15.58 32.32
C TYR A 618 6.60 -14.96 33.65
N ARG A 619 7.32 -13.91 34.04
CA ARG A 619 6.96 -13.11 35.21
C ARG A 619 7.24 -11.64 34.93
N VAL A 620 6.44 -10.76 35.54
CA VAL A 620 6.53 -9.32 35.29
C VAL A 620 6.49 -8.53 36.60
N ARG A 621 7.20 -7.41 36.64
CA ARG A 621 7.19 -6.51 37.80
C ARG A 621 7.35 -5.06 37.38
N ALA A 622 6.89 -4.15 38.23
CA ALA A 622 6.99 -2.71 37.97
C ALA A 622 8.35 -2.15 38.39
N LEU A 623 8.77 -1.07 37.74
CA LEU A 623 10.00 -0.36 38.07
C LEU A 623 9.70 1.14 38.09
N ASP A 624 9.93 1.81 39.22
CA ASP A 624 9.55 3.22 39.37
C ASP A 624 10.65 4.18 38.91
N TYR A 625 10.41 5.48 39.04
CA TYR A 625 11.37 6.50 38.59
C TYR A 625 12.67 6.52 39.40
N TRP A 626 12.69 5.83 40.54
CA TRP A 626 13.89 5.75 41.39
C TRP A 626 14.51 4.36 41.35
N ALA A 627 14.27 3.64 40.25
CA ALA A 627 14.81 2.29 40.00
C ALA A 627 14.41 1.22 41.02
N ARG A 628 13.41 1.50 41.86
CA ARG A 628 12.95 0.53 42.85
C ARG A 628 12.00 -0.47 42.20
N PRO A 629 12.28 -1.78 42.35
CA PRO A 629 11.39 -2.77 41.77
C PRO A 629 10.23 -3.13 42.69
N GLY A 630 9.07 -3.40 42.08
CA GLY A 630 7.95 -4.01 42.81
C GLY A 630 8.10 -5.52 42.78
N PRO A 631 7.29 -6.24 43.57
CA PRO A 631 7.38 -7.71 43.55
C PRO A 631 6.97 -8.30 42.22
N PHE A 632 7.54 -9.45 41.87
CA PHE A 632 7.16 -10.15 40.65
C PHE A 632 5.74 -10.70 40.76
N SER A 633 5.05 -10.74 39.62
CA SER A 633 3.76 -11.40 39.52
C SER A 633 3.96 -12.90 39.67
N ASP A 634 2.87 -13.63 39.90
CA ASP A 634 2.92 -15.08 39.87
C ASP A 634 3.37 -15.51 38.47
N PRO A 635 4.28 -16.50 38.41
CA PRO A 635 4.78 -16.92 37.10
C PRO A 635 3.69 -17.60 36.26
N VAL A 636 3.62 -17.24 34.98
CA VAL A 636 2.66 -17.82 34.05
C VAL A 636 3.39 -18.76 33.08
N PRO A 637 3.01 -20.05 33.06
CA PRO A 637 3.64 -20.99 32.13
C PRO A 637 3.07 -20.85 30.73
N TYR A 638 3.83 -21.31 29.74
CA TYR A 638 3.39 -21.28 28.34
C TYR A 638 4.13 -22.34 27.53
N LEU A 639 3.38 -23.22 26.89
CA LEU A 639 3.94 -24.24 26.01
C LEU A 639 3.32 -24.12 24.62
N GLU A 640 4.17 -24.10 23.60
CA GLU A 640 3.74 -23.89 22.23
C GLU A 640 3.59 -25.23 21.50
N ALA B 28 -9.76 -29.69 -41.44
CA ALA B 28 -8.71 -29.40 -42.46
C ALA B 28 -7.49 -28.74 -41.81
N PRO B 29 -6.27 -29.25 -42.08
CA PRO B 29 -5.08 -28.66 -41.48
C PRO B 29 -4.70 -27.31 -42.08
N HIS B 30 -4.02 -26.48 -41.29
CA HIS B 30 -3.47 -25.23 -41.78
C HIS B 30 -2.17 -25.52 -42.52
N LEU B 31 -2.12 -25.15 -43.80
CA LEU B 31 -0.90 -25.30 -44.59
C LEU B 31 -0.13 -23.99 -44.55
N VAL B 32 1.14 -24.05 -44.14
CA VAL B 32 2.02 -22.87 -44.16
C VAL B 32 3.14 -23.13 -45.17
N GLN B 33 3.15 -22.34 -46.25
CA GLN B 33 4.19 -22.45 -47.27
C GLN B 33 5.17 -21.31 -47.13
N VAL B 34 6.45 -21.60 -47.34
CA VAL B 34 7.50 -20.58 -47.28
C VAL B 34 8.49 -20.83 -48.41
N ASP B 35 8.75 -19.79 -49.20
CA ASP B 35 9.69 -19.87 -50.30
C ASP B 35 10.97 -19.11 -49.93
N ALA B 36 12.02 -19.86 -49.61
CA ALA B 36 13.30 -19.28 -49.19
C ALA B 36 14.15 -18.81 -50.38
N ALA B 37 13.63 -18.93 -51.60
CA ALA B 37 14.27 -18.36 -52.79
C ALA B 37 13.70 -16.98 -53.16
N ARG B 38 12.71 -16.50 -52.41
CA ARG B 38 12.07 -15.22 -52.68
C ARG B 38 12.20 -14.25 -51.50
N ALA B 39 13.34 -13.56 -51.44
CA ALA B 39 13.50 -12.42 -50.52
C ALA B 39 12.83 -11.22 -51.16
N LEU B 40 11.67 -10.83 -50.62
CA LEU B 40 10.78 -9.87 -51.26
C LEU B 40 11.17 -8.42 -51.04
N TRP B 41 11.43 -8.07 -49.79
CA TRP B 41 11.79 -6.70 -49.41
C TRP B 41 12.42 -6.74 -48.03
N PRO B 42 12.95 -5.58 -47.57
CA PRO B 42 13.52 -5.56 -46.23
C PRO B 42 12.50 -5.88 -45.14
N LEU B 43 12.97 -6.44 -44.04
CA LEU B 43 12.16 -6.63 -42.85
C LEU B 43 12.80 -5.82 -41.74
N ARG B 44 12.06 -4.83 -41.23
N ARG B 44 12.07 -4.83 -41.24
CA ARG B 44 12.55 -3.95 -40.18
CA ARG B 44 12.55 -3.94 -40.19
C ARG B 44 12.02 -4.40 -38.83
C ARG B 44 12.01 -4.39 -38.84
N ARG B 45 12.88 -4.42 -37.83
N ARG B 45 12.89 -4.42 -37.84
CA ARG B 45 12.46 -4.77 -36.48
CA ARG B 45 12.46 -4.76 -36.49
C ARG B 45 11.88 -3.54 -35.81
C ARG B 45 11.88 -3.53 -35.82
N PHE B 46 10.66 -3.19 -36.20
CA PHE B 46 10.01 -1.95 -35.73
C PHE B 46 9.39 -2.04 -34.33
N TRP B 47 9.36 -3.24 -33.77
CA TRP B 47 8.65 -3.52 -32.52
C TRP B 47 9.54 -3.54 -31.28
N ARG B 48 10.79 -3.10 -31.39
CA ARG B 48 11.77 -3.30 -30.31
C ARG B 48 11.75 -2.21 -29.22
N SER B 49 10.57 -2.01 -28.65
CA SER B 49 10.34 -0.98 -27.64
C SER B 49 9.45 -1.51 -26.54
N THR B 50 9.69 -1.02 -25.33
CA THR B 50 8.79 -1.19 -24.19
C THR B 50 8.67 0.15 -23.46
N GLY B 51 7.97 0.16 -22.32
CA GLY B 51 7.79 1.40 -21.57
C GLY B 51 7.00 1.23 -20.29
N PHE B 52 7.02 2.27 -19.46
CA PHE B 52 6.32 2.25 -18.19
C PHE B 52 6.23 3.66 -17.60
N CYS B 53 5.50 3.75 -16.49
CA CYS B 53 5.31 4.99 -15.74
C CYS B 53 5.59 4.69 -14.28
N PRO B 54 6.53 5.41 -13.65
CA PRO B 54 6.78 5.17 -12.23
C PRO B 54 5.62 5.66 -11.36
N PRO B 55 5.37 5.00 -10.21
CA PRO B 55 4.24 5.35 -9.34
C PRO B 55 4.42 6.69 -8.62
N LEU B 56 3.33 7.18 -8.03
CA LEU B 56 3.37 8.41 -7.21
C LEU B 56 4.21 8.17 -5.95
N ASP B 62 14.45 9.18 -3.10
CA ASP B 62 14.66 7.74 -3.19
C ASP B 62 13.86 7.14 -4.37
N PRO B 63 14.17 7.57 -5.61
CA PRO B 63 13.35 7.22 -6.78
C PRO B 63 13.11 5.72 -7.00
N TYR B 64 11.89 5.39 -7.42
CA TYR B 64 11.50 4.04 -7.83
C TYR B 64 12.36 3.53 -9.00
N VAL B 65 12.63 4.42 -9.95
CA VAL B 65 13.42 4.05 -11.14
C VAL B 65 14.88 3.66 -10.85
N LEU B 66 15.38 3.98 -9.65
CA LEU B 66 16.72 3.57 -9.22
C LEU B 66 16.70 2.50 -8.11
N SER B 67 15.52 1.96 -7.83
CA SER B 67 15.38 0.88 -6.84
C SER B 67 16.01 -0.39 -7.38
N TRP B 68 16.39 -1.28 -6.47
CA TRP B 68 16.93 -2.58 -6.85
C TRP B 68 15.94 -3.34 -7.74
N ASP B 69 14.65 -3.20 -7.45
CA ASP B 69 13.58 -3.78 -8.29
C ASP B 69 13.75 -3.37 -9.74
N GLN B 70 13.89 -2.08 -9.97
CA GLN B 70 14.00 -1.56 -11.33
C GLN B 70 15.32 -1.95 -11.99
N GLN B 71 16.39 -2.00 -11.19
CA GLN B 71 17.68 -2.48 -11.67
C GLN B 71 17.59 -3.92 -12.18
N LEU B 72 16.88 -4.76 -11.44
CA LEU B 72 16.62 -6.14 -11.88
C LEU B 72 15.74 -6.15 -13.14
N ASN B 73 14.70 -5.33 -13.13
CA ASN B 73 13.75 -5.30 -14.25
C ASN B 73 14.43 -4.96 -15.58
N LEU B 74 15.26 -3.92 -15.57
CA LEU B 74 15.94 -3.49 -16.80
C LEU B 74 17.03 -4.47 -17.25
N ALA B 75 17.58 -5.24 -16.32
CA ALA B 75 18.50 -6.32 -16.65
C ALA B 75 17.77 -7.40 -17.46
N TYR B 76 16.56 -7.73 -17.04
CA TYR B 76 15.70 -8.68 -17.77
C TYR B 76 15.26 -8.14 -19.15
N VAL B 77 14.94 -6.84 -19.21
CA VAL B 77 14.60 -6.20 -20.47
C VAL B 77 15.80 -6.21 -21.43
N GLY B 78 16.99 -5.87 -20.92
CA GLY B 78 18.20 -5.83 -21.74
C GLY B 78 18.70 -7.19 -22.17
N ALA B 79 18.32 -8.23 -21.42
CA ALA B 79 18.83 -9.58 -21.63
C ALA B 79 18.22 -10.29 -22.82
N VAL B 80 17.18 -9.70 -23.42
CA VAL B 80 16.58 -10.27 -24.61
C VAL B 80 17.66 -10.30 -25.70
N PRO B 81 17.93 -11.47 -26.29
CA PRO B 81 19.04 -11.60 -27.21
C PRO B 81 18.93 -10.75 -28.48
N HIS B 82 20.09 -10.42 -29.05
CA HIS B 82 20.21 -9.73 -30.34
C HIS B 82 19.48 -8.39 -30.36
N ARG B 83 19.59 -7.66 -29.26
CA ARG B 83 18.97 -6.34 -29.11
C ARG B 83 17.47 -6.37 -29.44
N GLY B 84 16.79 -7.44 -29.02
CA GLY B 84 15.36 -7.62 -29.25
C GLY B 84 14.49 -6.56 -28.58
N ILE B 85 14.99 -5.93 -27.51
CA ILE B 85 14.36 -4.71 -27.01
C ILE B 85 15.41 -3.61 -26.89
N LYS B 86 15.12 -2.45 -27.47
CA LYS B 86 16.06 -1.36 -27.62
C LYS B 86 15.68 -0.14 -26.78
N GLN B 87 14.42 0.25 -26.83
CA GLN B 87 13.93 1.47 -26.22
C GLN B 87 13.10 1.19 -24.96
N VAL B 88 13.21 2.08 -23.97
CA VAL B 88 12.34 2.04 -22.79
C VAL B 88 11.72 3.43 -22.61
N ARG B 89 10.48 3.57 -23.05
CA ARG B 89 9.77 4.83 -22.98
C ARG B 89 9.34 5.11 -21.54
N THR B 90 9.98 6.08 -20.91
CA THR B 90 9.85 6.30 -19.46
C THR B 90 9.15 7.64 -19.21
N HIS B 91 8.05 7.60 -18.44
CA HIS B 91 7.34 8.82 -18.03
C HIS B 91 8.09 9.52 -16.92
N TRP B 92 7.80 10.82 -16.77
CA TRP B 92 8.23 11.62 -15.63
C TRP B 92 9.76 11.74 -15.45
N LEU B 93 10.50 11.63 -16.56
CA LEU B 93 11.97 11.72 -16.52
C LEU B 93 12.44 13.04 -15.90
N LEU B 94 11.71 14.13 -16.15
CA LEU B 94 12.13 15.43 -15.65
C LEU B 94 11.63 15.75 -14.23
N GLU B 95 11.04 14.77 -13.55
CA GLU B 95 10.87 14.84 -12.09
C GLU B 95 12.11 14.26 -11.41
N LEU B 96 13.03 13.70 -12.19
CA LEU B 96 14.32 13.23 -11.66
C LEU B 96 15.32 14.37 -11.58
N VAL B 97 14.98 15.52 -12.15
CA VAL B 97 15.79 16.72 -12.04
C VAL B 97 15.23 17.59 -10.90
N THR B 98 16.09 18.04 -10.00
CA THR B 98 15.68 18.96 -8.94
C THR B 98 16.32 20.33 -9.15
N THR B 99 15.91 21.31 -8.34
CA THR B 99 16.31 22.68 -8.56
C THR B 99 16.83 23.35 -7.28
N ARG B 100 17.66 24.37 -7.47
CA ARG B 100 18.12 25.24 -6.38
C ARG B 100 17.95 26.68 -6.83
N GLY B 101 17.61 27.56 -5.89
CA GLY B 101 17.40 28.96 -6.19
C GLY B 101 16.03 29.20 -6.79
N SER B 102 15.91 30.21 -7.64
CA SER B 102 14.63 30.57 -8.25
C SER B 102 14.80 31.46 -9.47
N THR B 103 13.70 31.69 -10.19
CA THR B 103 13.67 32.57 -11.36
C THR B 103 14.22 33.96 -11.03
N LEU B 107 18.91 30.16 -10.46
CA LEU B 107 18.29 28.87 -10.83
C LEU B 107 19.33 27.84 -11.28
N SER B 108 19.54 26.80 -10.47
CA SER B 108 20.44 25.70 -10.80
C SER B 108 19.68 24.38 -10.84
N TYR B 109 20.06 23.51 -11.77
CA TYR B 109 19.48 22.17 -11.87
C TYR B 109 20.43 21.13 -11.29
N ASN B 110 19.83 20.09 -10.68
CA ASN B 110 20.57 18.94 -10.19
C ASN B 110 20.15 17.70 -10.98
N PHE B 111 21.05 17.20 -11.81
CA PHE B 111 20.76 16.11 -12.75
C PHE B 111 21.01 14.70 -12.20
N THR B 112 21.49 14.60 -10.96
CA THR B 112 22.01 13.34 -10.42
C THR B 112 21.09 12.13 -10.59
N HIS B 113 19.84 12.21 -10.17
CA HIS B 113 18.92 11.07 -10.30
C HIS B 113 18.63 10.71 -11.76
N LEU B 114 18.63 11.70 -12.64
CA LEU B 114 18.50 11.46 -14.09
C LEU B 114 19.75 10.78 -14.63
N ASP B 115 20.93 11.24 -14.21
CA ASP B 115 22.18 10.58 -14.56
C ASP B 115 22.10 9.09 -14.22
N GLY B 116 21.61 8.79 -13.01
CA GLY B 116 21.49 7.42 -12.53
C GLY B 116 20.61 6.53 -13.41
N TYR B 117 19.43 7.01 -13.77
CA TYR B 117 18.51 6.21 -14.57
C TYR B 117 19.08 5.96 -15.96
N LEU B 118 19.59 7.02 -16.59
CA LEU B 118 20.15 6.92 -17.94
C LEU B 118 21.39 6.04 -17.97
N ASP B 119 22.26 6.16 -16.96
CA ASP B 119 23.40 5.26 -16.83
C ASP B 119 22.96 3.80 -16.73
N LEU B 120 21.93 3.57 -15.92
CA LEU B 120 21.36 2.23 -15.74
C LEU B 120 20.83 1.66 -17.06
N LEU B 121 20.17 2.50 -17.87
CA LEU B 121 19.70 2.07 -19.19
C LEU B 121 20.90 1.73 -20.07
N ARG B 122 21.90 2.60 -20.07
CA ARG B 122 23.11 2.42 -20.87
C ARG B 122 23.82 1.11 -20.50
N GLU B 123 23.86 0.83 -19.21
CA GLU B 123 24.48 -0.39 -18.69
C GLU B 123 23.84 -1.67 -19.25
N ASN B 124 22.56 -1.60 -19.62
CA ASN B 124 21.85 -2.73 -20.20
C ASN B 124 21.66 -2.58 -21.71
N GLN B 125 22.45 -1.68 -22.32
CA GLN B 125 22.40 -1.41 -23.76
C GLN B 125 20.99 -1.04 -24.23
N LEU B 126 20.28 -0.28 -23.41
CA LEU B 126 18.94 0.20 -23.71
C LEU B 126 19.00 1.71 -23.96
N LEU B 127 18.01 2.22 -24.68
CA LEU B 127 17.88 3.65 -24.93
C LEU B 127 16.63 4.16 -24.23
N PRO B 128 16.67 5.42 -23.77
CA PRO B 128 15.44 6.00 -23.23
C PRO B 128 14.51 6.46 -24.35
N GLY B 129 13.21 6.19 -24.19
CA GLY B 129 12.17 6.88 -24.95
C GLY B 129 11.95 8.16 -24.16
N PHE B 130 12.61 9.23 -24.58
CA PHE B 130 12.88 10.35 -23.69
C PHE B 130 11.78 11.37 -23.75
N GLU B 131 10.70 11.11 -23.01
CA GLU B 131 9.61 12.06 -22.90
C GLU B 131 10.07 13.25 -22.06
N LEU B 132 9.91 14.45 -22.62
CA LEU B 132 10.29 15.67 -21.94
C LEU B 132 9.16 16.09 -21.00
N MET B 133 9.04 15.30 -19.94
CA MET B 133 7.85 15.25 -19.10
C MET B 133 8.23 15.40 -17.63
N GLY B 134 7.73 16.45 -16.99
CA GLY B 134 8.01 16.73 -15.60
C GLY B 134 8.16 18.22 -15.36
N SER B 135 8.25 18.60 -14.08
CA SER B 135 8.26 20.01 -13.67
C SER B 135 9.58 20.44 -13.02
N ALA B 136 10.59 19.57 -13.08
CA ALA B 136 11.84 19.77 -12.35
C ALA B 136 11.53 20.03 -10.87
N SER B 137 10.89 19.06 -10.25
CA SER B 137 10.45 19.11 -8.84
C SER B 137 9.75 20.40 -8.42
N GLY B 138 8.79 20.84 -9.23
CA GLY B 138 7.88 21.91 -8.84
C GLY B 138 8.21 23.31 -9.35
N HIS B 139 9.30 23.45 -10.08
CA HIS B 139 9.68 24.78 -10.60
C HIS B 139 8.73 25.26 -11.70
N PHE B 140 8.52 24.42 -12.71
CA PHE B 140 7.69 24.79 -13.85
C PHE B 140 6.23 24.58 -13.52
N THR B 141 5.43 25.62 -13.74
CA THR B 141 4.01 25.64 -13.36
C THR B 141 3.06 26.17 -14.44
N ASP B 142 3.57 26.91 -15.43
CA ASP B 142 2.74 27.61 -16.39
C ASP B 142 3.47 27.82 -17.70
N PHE B 143 3.00 27.18 -18.77
CA PHE B 143 3.65 27.28 -20.08
C PHE B 143 3.11 28.41 -20.96
N GLU B 144 2.29 29.27 -20.38
CA GLU B 144 1.95 30.56 -21.00
C GLU B 144 2.75 31.71 -20.37
N ASP B 145 3.48 31.41 -19.29
CA ASP B 145 4.40 32.36 -18.69
C ASP B 145 5.68 32.43 -19.52
N LYS B 146 5.86 33.54 -20.23
CA LYS B 146 7.00 33.74 -21.14
C LYS B 146 8.34 33.37 -20.51
N GLN B 147 8.54 33.82 -19.27
CA GLN B 147 9.76 33.53 -18.52
C GLN B 147 10.02 32.03 -18.41
N GLN B 148 9.00 31.27 -18.04
CA GLN B 148 9.11 29.82 -17.91
C GLN B 148 9.37 29.11 -19.23
N VAL B 149 8.77 29.62 -20.32
CA VAL B 149 8.97 29.03 -21.64
C VAL B 149 10.44 29.14 -22.05
N PHE B 150 11.05 30.31 -21.83
CA PHE B 150 12.47 30.52 -22.09
C PHE B 150 13.38 29.67 -21.22
N GLU B 151 12.97 29.47 -19.96
CA GLU B 151 13.72 28.62 -19.04
C GLU B 151 13.68 27.16 -19.48
N TRP B 152 12.50 26.69 -19.90
CA TRP B 152 12.34 25.33 -20.40
C TRP B 152 13.27 25.06 -21.58
N LYS B 153 13.33 26.00 -22.53
CA LYS B 153 14.19 25.88 -23.70
C LYS B 153 15.63 25.60 -23.27
N ASP B 154 16.15 26.40 -22.34
CA ASP B 154 17.53 26.26 -21.87
C ASP B 154 17.76 25.01 -21.00
N LEU B 155 16.72 24.55 -20.32
CA LEU B 155 16.77 23.28 -19.61
C LEU B 155 16.98 22.14 -20.60
N VAL B 156 16.19 22.14 -21.68
CA VAL B 156 16.28 21.10 -22.70
C VAL B 156 17.65 21.08 -23.37
N SER B 157 18.21 22.27 -23.65
CA SER B 157 19.54 22.37 -24.24
C SER B 157 20.61 21.89 -23.27
N SER B 158 20.45 22.25 -22.01
CA SER B 158 21.39 21.84 -20.96
C SER B 158 21.45 20.31 -20.82
N LEU B 159 20.30 19.65 -20.84
CA LEU B 159 20.31 18.20 -20.65
C LEU B 159 20.76 17.47 -21.91
N ALA B 160 20.40 17.99 -23.08
CA ALA B 160 20.88 17.43 -24.35
C ALA B 160 22.41 17.50 -24.43
N ARG B 161 22.95 18.68 -24.15
CA ARG B 161 24.40 18.88 -24.14
C ARG B 161 25.09 18.01 -23.09
N ARG B 162 24.46 17.85 -21.93
CA ARG B 162 25.04 17.03 -20.86
C ARG B 162 25.18 15.59 -21.31
N TYR B 163 24.15 15.03 -21.94
CA TYR B 163 24.18 13.61 -22.30
C TYR B 163 24.90 13.36 -23.63
N ILE B 164 25.01 14.38 -24.48
CA ILE B 164 25.95 14.33 -25.60
C ILE B 164 27.39 14.25 -25.08
N GLY B 165 27.71 15.03 -24.05
CA GLY B 165 29.04 14.95 -23.40
C GLY B 165 29.29 13.60 -22.73
N ARG B 166 28.30 13.11 -22.01
CA ARG B 166 28.40 11.87 -21.25
C ARG B 166 28.46 10.61 -22.14
N TYR B 167 27.63 10.55 -23.17
CA TYR B 167 27.49 9.34 -24.01
C TYR B 167 27.97 9.49 -25.47
N GLY B 168 28.20 10.72 -25.93
CA GLY B 168 28.58 10.97 -27.32
C GLY B 168 27.35 11.28 -28.17
N LEU B 169 27.54 12.09 -29.20
CA LEU B 169 26.45 12.54 -30.05
C LEU B 169 25.84 11.39 -30.87
N ALA B 170 26.66 10.42 -31.27
CA ALA B 170 26.16 9.29 -32.06
C ALA B 170 25.09 8.53 -31.27
N HIS B 171 25.36 8.28 -30.00
CA HIS B 171 24.41 7.58 -29.16
C HIS B 171 23.14 8.40 -28.90
N VAL B 172 23.29 9.64 -28.46
CA VAL B 172 22.15 10.47 -28.10
C VAL B 172 21.26 10.76 -29.33
N SER B 173 21.86 10.78 -30.52
CA SER B 173 21.13 10.93 -31.78
C SER B 173 20.15 9.80 -32.10
N LYS B 174 20.30 8.65 -31.43
CA LYS B 174 19.37 7.53 -31.61
C LYS B 174 18.11 7.67 -30.76
N TRP B 175 18.08 8.62 -29.83
CA TRP B 175 16.99 8.73 -28.86
C TRP B 175 15.75 9.32 -29.49
N ASN B 176 14.60 8.73 -29.18
CA ASN B 176 13.33 9.36 -29.51
C ASN B 176 12.96 10.32 -28.38
N PHE B 177 13.36 11.58 -28.52
CA PHE B 177 12.83 12.62 -27.65
C PHE B 177 11.36 12.81 -28.00
N GLU B 178 10.52 13.08 -27.00
CA GLU B 178 9.08 13.11 -27.21
C GLU B 178 8.39 14.15 -26.32
N THR B 179 7.20 14.57 -26.73
CA THR B 179 6.39 15.45 -25.91
C THR B 179 5.90 14.75 -24.65
N TRP B 180 5.50 15.57 -23.68
CA TRP B 180 4.74 15.13 -22.52
C TRP B 180 3.70 14.08 -22.91
N ASN B 181 3.56 13.04 -22.10
CA ASN B 181 2.62 11.94 -22.41
C ASN B 181 1.14 12.37 -22.43
N GLU B 182 0.42 11.94 -23.46
CA GLU B 182 -1.03 12.10 -23.55
C GLU B 182 -1.51 13.49 -23.10
N PRO B 183 -1.17 14.54 -23.86
CA PRO B 183 -1.55 15.90 -23.47
C PRO B 183 -3.07 16.10 -23.35
N ASP B 184 -3.85 15.37 -24.14
CA ASP B 184 -5.32 15.48 -24.10
C ASP B 184 -5.97 14.70 -22.96
N HIS B 185 -5.17 13.98 -22.17
CA HIS B 185 -5.70 13.29 -20.99
C HIS B 185 -5.37 14.04 -19.69
N HIS B 186 -5.01 15.32 -19.83
CA HIS B 186 -4.74 16.25 -18.71
C HIS B 186 -4.20 15.59 -17.42
N ASP B 187 -3.07 14.92 -17.55
CA ASP B 187 -2.30 14.45 -16.41
C ASP B 187 -1.04 15.32 -16.30
N PHE B 188 -1.24 16.52 -15.75
CA PHE B 188 -0.17 17.52 -15.64
C PHE B 188 0.21 17.89 -14.20
N ASP B 189 -0.62 17.51 -13.23
CA ASP B 189 -0.38 17.79 -11.80
C ASP B 189 -0.44 19.30 -11.49
N ASN B 190 0.66 19.87 -11.01
CA ASN B 190 0.71 21.31 -10.66
C ASN B 190 1.04 22.20 -11.86
N VAL B 191 1.11 21.62 -13.05
CA VAL B 191 1.50 22.35 -14.25
C VAL B 191 0.26 22.75 -15.06
N SER B 192 0.15 24.05 -15.34
CA SER B 192 -0.88 24.57 -16.23
C SER B 192 -0.41 24.39 -17.67
N MET B 193 -1.09 23.51 -18.41
CA MET B 193 -0.78 23.25 -19.82
C MET B 193 -2.03 23.42 -20.68
N THR B 194 -2.23 24.62 -21.17
CA THR B 194 -3.33 24.91 -22.08
C THR B 194 -2.92 24.56 -23.51
N MET B 195 -3.86 24.70 -24.44
CA MET B 195 -3.60 24.50 -25.87
C MET B 195 -2.37 25.32 -26.29
N GLN B 196 -2.42 26.63 -26.04
CA GLN B 196 -1.32 27.51 -26.39
C GLN B 196 -0.06 27.17 -25.58
N GLY B 197 -0.25 26.83 -24.30
CA GLY B 197 0.85 26.41 -23.44
C GLY B 197 1.60 25.22 -23.99
N PHE B 198 0.86 24.23 -24.47
CA PHE B 198 1.45 23.03 -25.07
C PHE B 198 2.27 23.36 -26.32
N LEU B 199 1.79 24.30 -27.12
CA LEU B 199 2.52 24.76 -28.31
C LEU B 199 3.81 25.51 -27.94
N ASN B 200 3.72 26.36 -26.91
CA ASN B 200 4.91 27.07 -26.42
C ASN B 200 5.92 26.08 -25.87
N TYR B 201 5.42 25.13 -25.07
CA TYR B 201 6.22 24.01 -24.55
C TYR B 201 6.92 23.25 -25.68
N TYR B 202 6.20 22.96 -26.76
CA TYR B 202 6.78 22.21 -27.88
C TYR B 202 7.91 22.97 -28.55
N ASP B 203 7.70 24.25 -28.83
CA ASP B 203 8.71 25.08 -29.47
C ASP B 203 9.97 25.17 -28.62
N ALA B 204 9.79 25.21 -27.30
CA ALA B 204 10.91 25.21 -26.36
C ALA B 204 11.66 23.87 -26.38
N CYS B 205 10.92 22.77 -26.47
CA CYS B 205 11.53 21.46 -26.66
C CYS B 205 12.32 21.41 -27.97
N SER B 206 11.69 21.85 -29.06
CA SER B 206 12.31 21.79 -30.39
C SER B 206 13.54 22.68 -30.49
N GLU B 207 13.41 23.94 -30.06
CA GLU B 207 14.54 24.87 -30.09
C GLU B 207 15.63 24.50 -29.07
N GLY B 208 15.20 23.93 -27.93
CA GLY B 208 16.14 23.44 -26.93
C GLY B 208 17.07 22.38 -27.47
N LEU B 209 16.49 21.38 -28.16
CA LEU B 209 17.29 20.31 -28.76
C LEU B 209 18.09 20.83 -29.95
N ARG B 210 17.48 21.70 -30.74
CA ARG B 210 18.11 22.28 -31.94
C ARG B 210 19.38 23.06 -31.59
N ALA B 211 19.35 23.79 -30.49
CA ALA B 211 20.50 24.58 -30.03
C ALA B 211 21.68 23.67 -29.67
N ALA B 212 21.39 22.48 -29.16
CA ALA B 212 22.41 21.48 -28.86
C ALA B 212 22.98 20.87 -30.13
N SER B 213 22.08 20.36 -30.98
CA SER B 213 22.48 19.75 -32.24
C SER B 213 21.26 19.56 -33.15
N PRO B 214 21.42 19.83 -34.46
CA PRO B 214 20.33 19.53 -35.40
C PRO B 214 20.17 18.04 -35.67
N ALA B 215 21.09 17.21 -35.16
CA ALA B 215 21.02 15.77 -35.37
C ALA B 215 20.06 15.04 -34.41
N LEU B 216 19.45 15.76 -33.47
CA LEU B 216 18.58 15.14 -32.47
C LEU B 216 17.15 15.06 -32.97
N ARG B 217 16.44 14.01 -32.56
CA ARG B 217 15.12 13.66 -33.09
C ARG B 217 14.04 13.95 -32.04
N LEU B 218 12.98 14.65 -32.45
CA LEU B 218 11.86 15.00 -31.58
C LEU B 218 10.51 14.75 -32.27
N GLY B 219 9.59 14.08 -31.57
CA GLY B 219 8.23 13.85 -32.06
C GLY B 219 7.19 13.96 -30.96
N GLY B 220 5.94 13.73 -31.33
CA GLY B 220 4.81 13.83 -30.42
C GLY B 220 3.52 13.65 -31.22
N PRO B 221 2.35 13.84 -30.59
CA PRO B 221 2.08 14.25 -29.22
C PRO B 221 1.94 13.09 -28.22
N GLY B 222 1.92 11.85 -28.71
CA GLY B 222 1.72 10.68 -27.85
C GLY B 222 0.32 10.60 -27.27
N ASP B 223 -0.70 10.61 -28.15
CA ASP B 223 -2.09 10.55 -27.72
C ASP B 223 -3.00 9.91 -28.79
N SER B 224 -4.29 9.84 -28.49
CA SER B 224 -5.24 9.02 -29.24
C SER B 224 -5.59 9.52 -30.64
N PHE B 225 -5.61 10.84 -30.84
CA PHE B 225 -6.08 11.44 -32.09
C PHE B 225 -7.52 11.00 -32.38
N HIS B 226 -8.40 11.17 -31.40
CA HIS B 226 -9.83 10.90 -31.61
C HIS B 226 -10.42 11.90 -32.58
N THR B 227 -11.58 11.58 -33.13
CA THR B 227 -12.24 12.42 -34.13
C THR B 227 -12.47 13.83 -33.58
N PRO B 228 -12.07 14.87 -34.34
CA PRO B 228 -12.37 16.25 -33.93
C PRO B 228 -13.86 16.49 -33.67
N PRO B 229 -14.20 17.38 -32.73
CA PRO B 229 -13.30 18.29 -32.01
C PRO B 229 -12.58 17.68 -30.79
N ARG B 230 -12.56 16.35 -30.67
CA ARG B 230 -11.81 15.71 -29.58
C ARG B 230 -10.31 15.73 -29.88
N SER B 231 -9.53 15.40 -28.85
CA SER B 231 -8.06 15.42 -28.92
C SER B 231 -7.51 16.73 -29.51
N PRO B 232 -7.93 17.88 -28.95
CA PRO B 232 -7.55 19.18 -29.52
C PRO B 232 -6.04 19.47 -29.47
N LEU B 233 -5.39 19.16 -28.35
CA LEU B 233 -3.95 19.41 -28.25
C LEU B 233 -3.17 18.59 -29.27
N SER B 234 -3.61 17.36 -29.53
CA SER B 234 -2.97 16.51 -30.54
C SER B 234 -3.05 17.10 -31.94
N TRP B 235 -4.27 17.30 -32.45
CA TRP B 235 -4.47 17.90 -33.78
C TRP B 235 -3.86 19.29 -33.85
N GLY B 236 -4.00 20.05 -32.78
CA GLY B 236 -3.41 21.39 -32.67
C GLY B 236 -1.90 21.40 -32.85
N LEU B 237 -1.24 20.38 -32.29
CA LEU B 237 0.21 20.28 -32.41
C LEU B 237 0.63 20.11 -33.87
N LEU B 238 -0.04 19.21 -34.59
CA LEU B 238 0.25 18.99 -36.00
C LEU B 238 -0.05 20.25 -36.82
N ARG B 239 -1.16 20.91 -36.52
CA ARG B 239 -1.54 22.16 -37.20
C ARG B 239 -0.48 23.24 -36.95
N HIS B 240 0.02 23.30 -35.72
CA HIS B 240 1.07 24.25 -35.35
C HIS B 240 2.38 23.97 -36.08
N CYS B 241 2.81 22.72 -36.08
CA CYS B 241 4.06 22.33 -36.74
C CYS B 241 3.99 22.48 -38.27
N HIS B 242 2.81 22.27 -38.84
CA HIS B 242 2.62 22.33 -40.27
C HIS B 242 2.52 23.78 -40.76
N ASP B 243 1.72 24.59 -40.07
CA ASP B 243 1.38 25.94 -40.53
C ASP B 243 1.74 27.07 -39.57
N GLY B 244 1.76 26.79 -38.27
CA GLY B 244 1.93 27.83 -37.25
C GLY B 244 3.26 28.54 -37.26
N THR B 245 3.49 29.35 -36.23
CA THR B 245 4.69 30.18 -36.11
C THR B 245 5.53 29.77 -34.90
N ASN B 246 6.85 29.72 -35.08
CA ASN B 246 7.78 29.35 -34.02
C ASN B 246 7.87 30.42 -32.93
N PHE B 247 7.57 30.03 -31.69
CA PHE B 247 7.63 30.92 -30.51
C PHE B 247 8.91 31.77 -30.43
N PHE B 248 10.05 31.16 -30.76
CA PHE B 248 11.36 31.80 -30.55
C PHE B 248 11.91 32.49 -31.80
N THR B 249 11.91 31.79 -32.93
CA THR B 249 12.50 32.29 -34.17
C THR B 249 11.49 33.02 -35.06
N GLY B 250 10.21 32.71 -34.90
CA GLY B 250 9.17 33.35 -35.70
C GLY B 250 9.00 32.80 -37.12
N GLU B 251 9.77 31.77 -37.48
CA GLU B 251 9.67 31.18 -38.81
C GLU B 251 8.43 30.29 -38.95
N ALA B 252 7.89 30.22 -40.15
CA ALA B 252 6.66 29.45 -40.42
C ALA B 252 6.95 27.95 -40.48
N GLY B 253 6.14 27.18 -39.76
CA GLY B 253 6.34 25.73 -39.66
C GLY B 253 7.40 25.37 -38.62
N VAL B 254 7.14 24.32 -37.86
CA VAL B 254 8.07 23.85 -36.83
C VAL B 254 8.40 22.38 -37.06
N ARG B 255 9.67 22.03 -36.82
CA ARG B 255 10.16 20.66 -36.94
C ARG B 255 9.25 19.65 -36.22
N LEU B 256 9.00 18.52 -36.86
CA LEU B 256 8.26 17.41 -36.28
C LEU B 256 8.75 16.12 -36.94
N ASP B 257 9.65 15.42 -36.26
CA ASP B 257 10.39 14.30 -36.89
C ASP B 257 9.63 12.98 -36.89
N TYR B 258 8.66 12.84 -35.99
CA TYR B 258 7.74 11.71 -36.04
C TYR B 258 6.42 12.05 -35.34
N ILE B 259 5.36 11.36 -35.73
CA ILE B 259 4.04 11.53 -35.13
C ILE B 259 3.75 10.28 -34.29
N SER B 260 3.57 10.45 -32.99
CA SER B 260 3.34 9.32 -32.09
C SER B 260 1.91 9.30 -31.58
N LEU B 261 1.25 8.17 -31.76
CA LEU B 261 -0.11 7.98 -31.27
C LEU B 261 -0.19 6.81 -30.31
N HIS B 262 -1.28 6.76 -29.56
CA HIS B 262 -1.63 5.62 -28.72
C HIS B 262 -2.96 5.09 -29.20
N ARG B 263 -2.99 3.85 -29.69
CA ARG B 263 -4.26 3.19 -29.98
C ARG B 263 -4.19 1.75 -29.49
N LYS B 264 -5.14 1.39 -28.62
CA LYS B 264 -5.16 0.09 -27.99
C LYS B 264 -6.34 -0.74 -28.53
N GLY B 265 -6.29 -2.04 -28.30
CA GLY B 265 -7.15 -2.98 -29.02
C GLY B 265 -8.50 -3.30 -28.41
N ALA B 266 -8.69 -2.99 -27.13
CA ALA B 266 -9.87 -3.46 -26.40
C ALA B 266 -10.07 -4.98 -26.56
N ARG B 267 -8.98 -5.73 -26.41
CA ARG B 267 -8.93 -7.20 -26.55
C ARG B 267 -8.91 -7.73 -27.97
N SER B 268 -8.85 -6.84 -28.96
CA SER B 268 -8.79 -7.24 -30.36
C SER B 268 -7.47 -6.82 -31.00
N SER B 269 -6.81 -7.77 -31.67
CA SER B 269 -5.52 -7.50 -32.30
C SER B 269 -5.68 -6.65 -33.55
N ILE B 270 -6.56 -7.07 -34.46
CA ILE B 270 -6.71 -6.37 -35.75
C ILE B 270 -7.21 -4.93 -35.56
N SER B 271 -7.95 -4.69 -34.49
CA SER B 271 -8.52 -3.37 -34.21
C SER B 271 -7.46 -2.27 -34.07
N ILE B 272 -6.30 -2.64 -33.54
CA ILE B 272 -5.20 -1.69 -33.41
C ILE B 272 -4.82 -1.16 -34.79
N LEU B 273 -4.57 -2.07 -35.73
CA LEU B 273 -4.21 -1.69 -37.09
C LEU B 273 -5.31 -0.88 -37.77
N GLU B 274 -6.55 -1.32 -37.63
CA GLU B 274 -7.69 -0.61 -38.22
C GLU B 274 -7.77 0.82 -37.71
N GLN B 275 -7.62 1.01 -36.40
CA GLN B 275 -7.65 2.34 -35.79
C GLN B 275 -6.47 3.21 -36.24
N GLU B 276 -5.29 2.60 -36.38
CA GLU B 276 -4.11 3.32 -36.84
C GLU B 276 -4.30 3.83 -38.27
N LYS B 277 -4.86 2.99 -39.14
CA LYS B 277 -5.07 3.35 -40.54
C LYS B 277 -6.01 4.54 -40.73
N VAL B 278 -7.03 4.63 -39.89
CA VAL B 278 -7.98 5.75 -39.93
C VAL B 278 -7.25 7.05 -39.55
N VAL B 279 -6.49 7.02 -38.45
CA VAL B 279 -5.74 8.21 -38.02
C VAL B 279 -4.68 8.59 -39.05
N ALA B 280 -3.97 7.61 -39.58
CA ALA B 280 -2.91 7.86 -40.57
C ALA B 280 -3.46 8.48 -41.86
N GLN B 281 -4.63 8.01 -42.30
CA GLN B 281 -5.29 8.57 -43.48
C GLN B 281 -5.69 10.03 -43.28
N GLN B 282 -6.23 10.34 -42.09
CA GLN B 282 -6.60 11.72 -41.74
C GLN B 282 -5.41 12.67 -41.80
N ILE B 283 -4.27 12.22 -41.28
CA ILE B 283 -3.03 13.01 -41.31
C ILE B 283 -2.56 13.24 -42.74
N ARG B 284 -2.61 12.18 -43.55
CA ARG B 284 -2.19 12.25 -44.96
C ARG B 284 -2.96 13.31 -45.74
N GLN B 285 -4.26 13.40 -45.50
CA GLN B 285 -5.11 14.35 -46.24
C GLN B 285 -4.95 15.77 -45.72
N LEU B 286 -5.04 15.94 -44.40
CA LEU B 286 -5.00 17.26 -43.77
C LEU B 286 -3.60 17.90 -43.80
N PHE B 287 -2.55 17.09 -43.77
CA PHE B 287 -1.19 17.59 -43.65
C PHE B 287 -0.25 17.01 -44.72
N PRO B 288 -0.31 17.56 -45.95
CA PRO B 288 0.48 17.02 -47.07
C PRO B 288 1.99 16.94 -46.80
N LYS B 289 2.54 17.98 -46.16
CA LYS B 289 3.95 18.00 -45.75
C LYS B 289 4.35 16.92 -44.75
N PHE B 290 3.37 16.24 -44.15
CA PHE B 290 3.67 15.11 -43.25
C PHE B 290 3.38 13.74 -43.88
N ALA B 291 3.35 13.68 -45.21
CA ALA B 291 3.03 12.44 -45.92
C ALA B 291 4.06 11.34 -45.68
N ASP B 292 5.32 11.74 -45.52
CA ASP B 292 6.42 10.81 -45.27
C ASP B 292 6.90 10.82 -43.82
N THR B 293 6.21 11.57 -42.95
CA THR B 293 6.58 11.65 -41.54
C THR B 293 6.29 10.31 -40.87
N PRO B 294 7.32 9.66 -40.29
CA PRO B 294 7.08 8.35 -39.68
C PRO B 294 6.03 8.39 -38.57
N ILE B 295 5.24 7.32 -38.48
CA ILE B 295 4.20 7.22 -37.46
C ILE B 295 4.55 6.13 -36.46
N TYR B 296 4.41 6.47 -35.17
CA TYR B 296 4.65 5.55 -34.08
C TYR B 296 3.33 5.27 -33.39
N ASN B 297 3.08 4.02 -33.03
CA ASN B 297 2.16 3.71 -31.97
C ASN B 297 2.96 3.24 -30.75
N ASP B 298 3.35 4.16 -29.87
CA ASP B 298 4.20 3.78 -28.73
C ASP B 298 3.46 3.38 -27.45
N GLU B 299 2.16 3.08 -27.59
CA GLU B 299 1.42 2.29 -26.59
C GLU B 299 0.35 1.46 -27.32
N ALA B 300 0.80 0.38 -27.96
CA ALA B 300 -0.03 -0.43 -28.88
C ALA B 300 -0.52 -1.71 -28.21
N ASP B 301 -1.15 -1.56 -27.06
CA ASP B 301 -1.47 -2.69 -26.20
C ASP B 301 -2.82 -3.31 -26.55
N PRO B 302 -2.97 -4.63 -26.33
CA PRO B 302 -4.24 -5.33 -26.46
C PRO B 302 -5.36 -4.68 -25.65
N LEU B 303 -5.03 -4.21 -24.45
CA LEU B 303 -6.05 -3.65 -23.55
C LEU B 303 -5.50 -2.53 -22.67
N VAL B 304 -6.26 -1.44 -22.59
CA VAL B 304 -5.92 -0.30 -21.73
C VAL B 304 -5.97 -0.68 -20.24
N GLY B 305 -5.11 -0.06 -19.45
CA GLY B 305 -5.06 -0.31 -18.00
C GLY B 305 -4.12 -1.46 -17.65
N TRP B 306 -2.84 -1.12 -17.42
CA TRP B 306 -1.81 -2.13 -17.24
C TRP B 306 -2.05 -3.00 -16.01
N SER B 307 -2.57 -2.39 -14.94
CA SER B 307 -2.65 -3.03 -13.63
C SER B 307 -3.89 -3.90 -13.43
N LEU B 308 -4.82 -3.85 -14.37
CA LEU B 308 -6.03 -4.67 -14.30
C LEU B 308 -5.65 -6.15 -14.44
N PRO B 309 -5.93 -6.97 -13.41
CA PRO B 309 -5.59 -8.39 -13.52
C PRO B 309 -6.36 -9.08 -14.64
N GLN B 310 -5.64 -9.78 -15.51
CA GLN B 310 -6.22 -10.58 -16.59
C GLN B 310 -5.44 -11.88 -16.70
N PRO B 311 -6.12 -13.04 -16.62
CA PRO B 311 -5.41 -14.32 -16.71
C PRO B 311 -4.57 -14.47 -17.97
N TRP B 312 -5.06 -13.94 -19.10
CA TRP B 312 -4.34 -14.04 -20.37
C TRP B 312 -3.02 -13.25 -20.42
N ARG B 313 -2.88 -12.24 -19.55
CA ARG B 313 -1.64 -11.47 -19.45
C ARG B 313 -0.51 -12.25 -18.76
N ALA B 314 -0.87 -13.33 -18.08
CA ALA B 314 0.09 -14.12 -17.32
C ALA B 314 0.96 -15.03 -18.17
N ASP B 315 0.50 -15.41 -19.35
CA ASP B 315 1.10 -16.55 -20.04
C ASP B 315 1.24 -16.40 -21.57
N VAL B 316 1.28 -17.52 -22.28
CA VAL B 316 1.53 -17.53 -23.72
C VAL B 316 0.35 -16.91 -24.52
N THR B 317 -0.80 -16.71 -23.88
CA THR B 317 -1.93 -16.07 -24.57
C THR B 317 -1.56 -14.64 -24.98
N TYR B 318 -1.00 -13.89 -24.03
CA TYR B 318 -0.56 -12.51 -24.28
C TYR B 318 0.64 -12.49 -25.22
N ALA B 319 1.56 -13.45 -25.04
CA ALA B 319 2.74 -13.53 -25.88
C ALA B 319 2.38 -13.79 -27.34
N ALA B 320 1.58 -14.82 -27.59
CA ALA B 320 1.16 -15.15 -28.96
C ALA B 320 0.39 -14.00 -29.62
N MET B 321 -0.39 -13.27 -28.84
CA MET B 321 -1.16 -12.15 -29.35
C MET B 321 -0.25 -10.98 -29.73
N VAL B 322 0.80 -10.76 -28.93
CA VAL B 322 1.78 -9.74 -29.24
C VAL B 322 2.42 -10.00 -30.60
N VAL B 323 2.82 -11.25 -30.84
CA VAL B 323 3.39 -11.67 -32.13
C VAL B 323 2.34 -11.55 -33.25
N LYS B 324 1.09 -11.87 -32.95
CA LYS B 324 0.01 -11.73 -33.94
C LYS B 324 -0.12 -10.28 -34.40
N VAL B 325 -0.14 -9.33 -33.46
CA VAL B 325 -0.26 -7.91 -33.78
C VAL B 325 0.89 -7.45 -34.68
N ILE B 326 2.10 -7.88 -34.34
CA ILE B 326 3.28 -7.52 -35.12
C ILE B 326 3.22 -8.10 -36.53
N ALA B 327 2.84 -9.37 -36.64
CA ALA B 327 2.70 -10.02 -37.94
C ALA B 327 1.67 -9.27 -38.81
N GLN B 328 0.55 -8.91 -38.20
CA GLN B 328 -0.50 -8.16 -38.89
C GLN B 328 0.02 -6.83 -39.45
N HIS B 329 0.87 -6.16 -38.68
CA HIS B 329 1.43 -4.88 -39.10
C HIS B 329 2.43 -5.00 -40.23
N GLN B 330 3.26 -6.05 -40.16
CA GLN B 330 4.23 -6.31 -41.22
C GLN B 330 3.53 -6.74 -42.49
N ASN B 331 2.61 -7.70 -42.38
CA ASN B 331 1.96 -8.28 -43.56
C ASN B 331 0.80 -7.48 -44.14
N LEU B 332 0.11 -6.70 -43.31
CA LEU B 332 -1.09 -5.97 -43.77
C LEU B 332 -0.90 -4.45 -43.90
N LEU B 333 0.25 -3.94 -43.46
CA LEU B 333 0.52 -2.51 -43.54
C LEU B 333 1.85 -2.19 -44.24
N LEU B 334 2.95 -2.74 -43.73
CA LEU B 334 4.28 -2.42 -44.26
C LEU B 334 4.59 -3.12 -45.59
N ALA B 335 4.29 -4.40 -45.68
CA ALA B 335 4.68 -5.22 -46.84
C ALA B 335 3.83 -4.94 -48.10
N ASN B 336 4.42 -4.22 -49.05
CA ASN B 336 3.80 -3.95 -50.36
C ASN B 336 2.31 -3.59 -50.33
N THR B 337 1.91 -2.81 -49.33
CA THR B 337 0.55 -2.28 -49.29
C THR B 337 0.55 -1.03 -50.14
N THR B 338 -0.45 -0.89 -50.99
CA THR B 338 -0.52 0.24 -51.93
C THR B 338 -0.69 1.58 -51.19
N SER B 339 -1.44 1.56 -50.09
CA SER B 339 -1.54 2.73 -49.21
C SER B 339 -0.15 3.10 -48.66
N ALA B 340 0.55 2.10 -48.11
CA ALA B 340 1.88 2.28 -47.52
C ALA B 340 1.95 3.52 -46.64
N PHE B 341 1.22 3.48 -45.52
CA PHE B 341 1.30 4.55 -44.53
C PHE B 341 2.67 4.41 -43.87
N PRO B 342 3.33 5.54 -43.55
CA PRO B 342 4.72 5.51 -43.08
C PRO B 342 4.87 5.04 -41.62
N TYR B 343 4.44 3.81 -41.34
CA TYR B 343 4.49 3.26 -40.00
C TYR B 343 5.93 2.87 -39.65
N ALA B 344 6.39 3.26 -38.47
CA ALA B 344 7.81 3.11 -38.13
C ALA B 344 8.13 2.49 -36.77
N LEU B 345 7.24 2.61 -35.80
CA LEU B 345 7.48 2.05 -34.47
C LEU B 345 6.20 1.56 -33.80
N LEU B 346 6.31 0.43 -33.10
CA LEU B 346 5.23 -0.15 -32.31
C LEU B 346 5.82 -0.53 -30.96
N SER B 347 5.29 0.02 -29.87
CA SER B 347 5.74 -0.32 -28.52
C SER B 347 4.61 -0.89 -27.66
N ASN B 348 4.89 -2.06 -27.08
CA ASN B 348 4.03 -2.63 -26.05
C ASN B 348 4.47 -2.04 -24.73
N ASP B 349 3.55 -1.36 -24.06
CA ASP B 349 3.91 -0.59 -22.86
C ASP B 349 3.84 -1.49 -21.63
N ASN B 350 4.79 -2.42 -21.55
CA ASN B 350 4.69 -3.52 -20.58
C ASN B 350 5.94 -3.74 -19.71
N ALA B 351 6.69 -2.68 -19.41
CA ALA B 351 7.86 -2.77 -18.53
C ALA B 351 7.55 -2.43 -17.07
N PHE B 352 6.27 -2.26 -16.75
CA PHE B 352 5.80 -2.04 -15.38
C PHE B 352 6.19 -3.25 -14.52
N LEU B 353 6.26 -3.01 -13.21
CA LEU B 353 6.48 -4.07 -12.23
C LEU B 353 5.15 -4.39 -11.53
N SER B 354 4.87 -5.69 -11.37
CA SER B 354 3.58 -6.13 -10.83
C SER B 354 3.48 -6.02 -9.31
N TYR B 355 2.26 -6.08 -8.80
CA TYR B 355 1.98 -5.96 -7.37
C TYR B 355 1.21 -7.17 -6.84
N HIS B 356 1.36 -7.43 -5.54
CA HIS B 356 0.51 -8.37 -4.82
C HIS B 356 -0.94 -7.88 -4.91
N PRO B 357 -1.92 -8.80 -5.08
CA PRO B 357 -1.82 -10.25 -5.21
C PRO B 357 -1.84 -10.76 -6.66
N HIS B 358 -1.29 -9.97 -7.59
CA HIS B 358 -1.34 -10.30 -9.02
C HIS B 358 0.04 -10.27 -9.66
N PRO B 359 0.98 -11.10 -9.17
CA PRO B 359 2.35 -11.05 -9.69
C PRO B 359 2.47 -11.36 -11.18
N PHE B 360 1.58 -12.21 -11.71
CA PHE B 360 1.61 -12.65 -13.11
C PHE B 360 0.54 -12.02 -14.01
N ALA B 361 -0.57 -11.56 -13.42
CA ALA B 361 -1.77 -11.24 -14.19
C ALA B 361 -1.83 -9.82 -14.75
N GLN B 362 -0.80 -9.02 -14.52
CA GLN B 362 -0.78 -7.63 -14.99
C GLN B 362 0.07 -7.52 -16.28
N ARG B 363 -0.04 -6.39 -16.97
CA ARG B 363 0.67 -6.21 -18.25
C ARG B 363 2.14 -5.88 -18.04
N THR B 364 2.92 -6.91 -17.76
CA THR B 364 4.33 -6.77 -17.40
C THR B 364 5.16 -7.83 -18.13
N LEU B 365 6.40 -7.48 -18.46
CA LEU B 365 7.35 -8.44 -19.05
C LEU B 365 7.81 -9.46 -18.02
N THR B 366 7.93 -9.01 -16.76
CA THR B 366 8.36 -9.87 -15.68
C THR B 366 7.27 -9.99 -14.63
N ALA B 367 7.37 -11.03 -13.82
CA ALA B 367 6.48 -11.22 -12.68
C ALA B 367 7.29 -10.97 -11.41
N ARG B 368 6.91 -9.94 -10.65
CA ARG B 368 7.64 -9.58 -9.44
C ARG B 368 7.15 -10.34 -8.22
N PHE B 369 8.10 -10.87 -7.45
CA PHE B 369 7.84 -11.47 -6.16
C PHE B 369 8.68 -10.76 -5.12
N GLN B 370 8.02 -9.94 -4.30
CA GLN B 370 8.65 -9.30 -3.16
C GLN B 370 8.67 -10.32 -2.02
N VAL B 371 9.83 -10.93 -1.81
CA VAL B 371 9.96 -12.00 -0.82
C VAL B 371 10.39 -11.36 0.49
N ASN B 372 9.39 -11.03 1.31
CA ASN B 372 9.60 -10.21 2.49
C ASN B 372 10.07 -10.99 3.72
N ASN B 373 9.93 -12.32 3.69
CA ASN B 373 10.21 -13.15 4.87
C ASN B 373 11.68 -13.61 5.01
N THR B 374 12.57 -13.09 4.18
CA THR B 374 14.00 -13.30 4.36
C THR B 374 14.59 -12.13 5.14
N ARG B 375 15.81 -12.30 5.63
CA ARG B 375 16.51 -11.26 6.39
C ARG B 375 17.81 -10.88 5.70
N PRO B 376 17.83 -9.74 4.97
CA PRO B 376 16.75 -8.79 4.77
C PRO B 376 15.77 -9.25 3.69
N PRO B 377 14.63 -8.55 3.54
CA PRO B 377 13.71 -8.78 2.42
C PRO B 377 14.42 -8.69 1.07
N HIS B 378 14.03 -9.51 0.11
CA HIS B 378 14.60 -9.42 -1.23
C HIS B 378 13.53 -9.51 -2.31
N VAL B 379 13.96 -9.32 -3.55
CA VAL B 379 13.06 -9.36 -4.71
C VAL B 379 13.54 -10.43 -5.70
N GLN B 380 12.56 -11.09 -6.33
CA GLN B 380 12.82 -12.06 -7.38
C GLN B 380 11.93 -11.72 -8.56
N LEU B 381 12.47 -11.78 -9.77
CA LEU B 381 11.68 -11.62 -10.99
C LEU B 381 11.66 -12.92 -11.76
N LEU B 382 10.50 -13.24 -12.34
CA LEU B 382 10.41 -14.32 -13.31
C LEU B 382 10.17 -13.75 -14.68
N ARG B 383 10.75 -14.39 -15.68
CA ARG B 383 10.56 -14.01 -17.06
C ARG B 383 9.24 -14.62 -17.52
N LYS B 384 8.34 -13.76 -17.99
CA LYS B 384 7.04 -14.22 -18.50
C LYS B 384 7.11 -14.51 -20.00
N PRO B 385 6.18 -15.34 -20.50
CA PRO B 385 6.23 -15.76 -21.91
C PRO B 385 6.27 -14.63 -22.91
N VAL B 386 5.64 -13.50 -22.59
CA VAL B 386 5.69 -12.32 -23.46
C VAL B 386 7.13 -11.85 -23.65
N LEU B 387 7.91 -11.87 -22.57
CA LEU B 387 9.32 -11.49 -22.65
C LEU B 387 10.11 -12.53 -23.45
N THR B 388 9.86 -13.80 -23.20
CA THR B 388 10.51 -14.87 -23.95
C THR B 388 10.19 -14.77 -25.44
N ALA B 389 8.95 -14.43 -25.76
CA ALA B 389 8.52 -14.25 -27.16
C ALA B 389 9.31 -13.15 -27.86
N MET B 390 9.65 -12.08 -27.14
CA MET B 390 10.48 -11.01 -27.72
C MET B 390 11.83 -11.54 -28.20
N GLY B 391 12.33 -12.57 -27.52
CA GLY B 391 13.57 -13.24 -27.93
C GLY B 391 13.40 -14.06 -29.21
N LEU B 392 12.19 -14.58 -29.44
CA LEU B 392 11.89 -15.31 -30.67
C LEU B 392 11.74 -14.36 -31.85
N LEU B 393 11.12 -13.21 -31.61
CA LEU B 393 11.02 -12.15 -32.61
C LEU B 393 12.40 -11.62 -33.01
N ALA B 394 13.31 -11.59 -32.03
CA ALA B 394 14.68 -11.11 -32.24
C ALA B 394 15.49 -11.93 -33.23
N LEU B 395 15.12 -13.20 -33.41
CA LEU B 395 15.81 -14.06 -34.37
C LEU B 395 15.44 -13.75 -35.82
N LEU B 396 14.37 -13.00 -36.05
CA LEU B 396 14.02 -12.57 -37.40
C LEU B 396 15.10 -11.67 -37.98
N ASP B 397 15.42 -11.90 -39.25
CA ASP B 397 16.52 -11.23 -39.94
C ASP B 397 16.03 -10.16 -40.91
N GLU B 398 16.97 -9.59 -41.69
CA GLU B 398 16.74 -8.32 -42.40
C GLU B 398 15.89 -8.38 -43.68
N GLU B 399 15.56 -9.58 -44.16
CA GLU B 399 14.72 -9.71 -45.37
C GLU B 399 13.50 -10.58 -45.09
N GLN B 400 12.35 -10.18 -45.63
CA GLN B 400 11.13 -10.97 -45.49
C GLN B 400 11.02 -11.97 -46.63
N LEU B 401 10.66 -13.20 -46.29
CA LEU B 401 10.44 -14.27 -47.26
C LEU B 401 8.96 -14.36 -47.60
N TRP B 402 8.68 -14.79 -48.84
CA TRP B 402 7.32 -15.08 -49.24
C TRP B 402 6.79 -16.25 -48.42
N ALA B 403 5.65 -16.04 -47.77
CA ALA B 403 4.94 -17.11 -47.09
C ALA B 403 3.45 -17.05 -47.42
N GLU B 404 2.78 -18.19 -47.30
CA GLU B 404 1.33 -18.25 -47.49
C GLU B 404 0.69 -19.27 -46.58
N VAL B 405 -0.28 -18.82 -45.80
CA VAL B 405 -1.07 -19.68 -44.93
C VAL B 405 -2.40 -19.97 -45.64
N SER B 406 -2.86 -21.21 -45.58
CA SER B 406 -4.14 -21.58 -46.19
C SER B 406 -4.80 -22.75 -45.46
N GLN B 407 -6.09 -22.95 -45.73
CA GLN B 407 -6.86 -24.07 -45.17
C GLN B 407 -7.92 -24.52 -46.18
N ALA B 408 -7.87 -25.79 -46.56
CA ALA B 408 -8.75 -26.34 -47.59
C ALA B 408 -8.75 -25.48 -48.86
N GLY B 409 -7.56 -24.99 -49.24
CA GLY B 409 -7.42 -24.19 -50.45
C GLY B 409 -7.65 -22.70 -50.30
N THR B 410 -8.31 -22.29 -49.22
CA THR B 410 -8.61 -20.88 -48.99
C THR B 410 -7.43 -20.19 -48.30
N VAL B 411 -6.93 -19.11 -48.90
CA VAL B 411 -5.78 -18.37 -48.38
C VAL B 411 -6.22 -17.48 -47.23
N LEU B 412 -5.45 -17.51 -46.14
CA LEU B 412 -5.78 -16.75 -44.93
C LEU B 412 -4.66 -15.77 -44.59
N ASP B 413 -4.98 -14.48 -44.53
CA ASP B 413 -4.01 -13.47 -44.12
C ASP B 413 -3.84 -13.46 -42.60
N SER B 414 -2.96 -12.59 -42.09
CA SER B 414 -2.63 -12.57 -40.67
C SER B 414 -3.78 -12.09 -39.76
N ASN B 415 -4.87 -11.61 -40.36
CA ASN B 415 -6.11 -11.30 -39.65
C ASN B 415 -6.88 -12.61 -39.37
N HIS B 416 -6.18 -13.60 -38.80
CA HIS B 416 -6.74 -14.91 -38.54
C HIS B 416 -6.03 -15.56 -37.36
N THR B 417 -6.57 -16.67 -36.86
CA THR B 417 -6.06 -17.35 -35.67
C THR B 417 -4.64 -17.90 -35.85
N VAL B 418 -4.30 -18.31 -37.07
CA VAL B 418 -2.99 -18.86 -37.37
C VAL B 418 -2.32 -18.02 -38.45
N GLY B 419 -1.05 -17.69 -38.23
CA GLY B 419 -0.26 -16.90 -39.19
C GLY B 419 1.24 -17.08 -39.01
N VAL B 420 2.02 -16.32 -39.78
CA VAL B 420 3.44 -16.58 -39.90
C VAL B 420 4.23 -15.35 -40.32
N LEU B 421 5.47 -15.26 -39.83
CA LEU B 421 6.47 -14.31 -40.32
C LEU B 421 7.73 -15.10 -40.66
N ALA B 422 8.17 -14.99 -41.91
CA ALA B 422 9.35 -15.70 -42.39
C ALA B 422 10.41 -14.70 -42.86
N SER B 423 11.66 -14.98 -42.52
CA SER B 423 12.77 -14.08 -42.84
C SER B 423 13.98 -14.86 -43.34
N ALA B 424 14.88 -14.15 -44.01
CA ALA B 424 16.14 -14.72 -44.50
C ALA B 424 17.28 -13.77 -44.20
N HIS B 425 18.47 -14.32 -44.00
CA HIS B 425 19.67 -13.52 -43.76
C HIS B 425 20.66 -13.61 -44.91
N ARG B 426 21.15 -12.44 -45.32
CA ARG B 426 22.20 -12.33 -46.31
C ARG B 426 23.57 -12.42 -45.61
N PRO B 427 24.34 -13.48 -45.89
CA PRO B 427 25.61 -13.68 -45.16
C PRO B 427 26.67 -12.61 -45.39
N GLN B 428 27.56 -12.45 -44.42
CA GLN B 428 28.63 -11.45 -44.46
C GLN B 428 29.92 -11.98 -43.81
N GLY B 429 30.74 -12.70 -44.58
CA GLY B 429 32.06 -13.12 -44.13
C GLY B 429 32.10 -14.45 -43.38
N PRO B 430 33.30 -14.86 -42.92
CA PRO B 430 33.57 -16.19 -42.35
C PRO B 430 32.94 -16.50 -40.98
N ALA B 431 32.55 -15.47 -40.23
CA ALA B 431 31.84 -15.68 -38.95
C ALA B 431 30.32 -15.67 -39.16
N ASP B 432 29.89 -15.77 -40.41
CA ASP B 432 28.47 -15.63 -40.75
C ASP B 432 28.09 -16.58 -41.87
N ALA B 433 26.81 -16.90 -41.97
CA ALA B 433 26.30 -17.71 -43.06
C ALA B 433 24.80 -17.45 -43.25
N TRP B 434 24.23 -18.05 -44.29
CA TRP B 434 22.79 -17.92 -44.58
C TRP B 434 21.93 -18.47 -43.43
N ARG B 435 20.82 -17.78 -43.16
CA ARG B 435 19.86 -18.21 -42.15
C ARG B 435 18.43 -17.97 -42.62
N ALA B 436 17.51 -18.81 -42.13
CA ALA B 436 16.07 -18.56 -42.29
C ALA B 436 15.38 -18.73 -40.93
N ALA B 437 14.52 -17.78 -40.59
CA ALA B 437 13.70 -17.88 -39.38
C ALA B 437 12.22 -17.85 -39.75
N VAL B 438 11.48 -18.88 -39.34
CA VAL B 438 10.05 -18.98 -39.63
C VAL B 438 9.30 -19.01 -38.30
N LEU B 439 8.56 -17.94 -38.02
CA LEU B 439 7.80 -17.82 -36.78
C LEU B 439 6.30 -17.99 -37.05
N ILE B 440 5.71 -19.04 -36.49
CA ILE B 440 4.30 -19.34 -36.64
C ILE B 440 3.59 -19.08 -35.31
N TYR B 441 2.45 -18.41 -35.37
CA TYR B 441 1.64 -18.17 -34.18
C TYR B 441 0.28 -18.83 -34.31
N ALA B 442 -0.23 -19.34 -33.19
CA ALA B 442 -1.63 -19.71 -33.07
C ALA B 442 -2.20 -18.87 -31.94
N SER B 443 -3.16 -18.00 -32.26
CA SER B 443 -3.65 -17.02 -31.29
C SER B 443 -5.07 -16.54 -31.58
N ASP B 444 -5.95 -16.73 -30.60
CA ASP B 444 -7.29 -16.18 -30.66
C ASP B 444 -7.37 -14.94 -29.74
N ASP B 445 -6.40 -14.04 -29.92
CA ASP B 445 -6.32 -12.81 -29.15
C ASP B 445 -6.29 -13.07 -27.63
N THR B 446 -7.29 -12.62 -26.88
CA THR B 446 -7.25 -12.77 -25.42
C THR B 446 -7.84 -14.09 -24.93
N ARG B 447 -8.36 -14.90 -25.84
CA ARG B 447 -8.98 -16.18 -25.50
C ARG B 447 -8.02 -17.36 -25.70
N ALA B 448 -7.91 -18.20 -24.68
CA ALA B 448 -7.18 -19.46 -24.76
C ALA B 448 -8.18 -20.58 -24.98
N HIS B 449 -7.76 -21.64 -25.67
CA HIS B 449 -8.60 -22.81 -25.92
C HIS B 449 -7.85 -24.08 -25.53
N PRO B 450 -7.79 -24.37 -24.22
CA PRO B 450 -6.99 -25.47 -23.66
C PRO B 450 -7.23 -26.87 -24.25
N ASN B 451 -8.43 -27.13 -24.75
CA ASN B 451 -8.76 -28.45 -25.32
C ASN B 451 -8.51 -28.56 -26.83
N ARG B 452 -8.17 -27.45 -27.47
CA ARG B 452 -8.01 -27.38 -28.92
C ARG B 452 -6.60 -27.80 -29.34
N SER B 453 -6.51 -28.47 -30.49
CA SER B 453 -5.24 -28.80 -31.12
C SER B 453 -5.30 -28.36 -32.58
N VAL B 454 -4.28 -27.63 -33.03
CA VAL B 454 -4.26 -27.10 -34.38
C VAL B 454 -3.20 -27.83 -35.21
N ALA B 455 -3.66 -28.59 -36.20
CA ALA B 455 -2.77 -29.32 -37.09
C ALA B 455 -2.20 -28.36 -38.12
N VAL B 456 -0.88 -28.31 -38.22
CA VAL B 456 -0.21 -27.45 -39.18
C VAL B 456 0.77 -28.27 -40.02
N THR B 457 0.79 -27.98 -41.32
CA THR B 457 1.79 -28.55 -42.22
C THR B 457 2.65 -27.40 -42.76
N LEU B 458 3.91 -27.36 -42.34
CA LEU B 458 4.87 -26.38 -42.82
C LEU B 458 5.66 -26.97 -43.97
N ARG B 459 5.60 -26.32 -45.12
CA ARG B 459 6.37 -26.74 -46.29
C ARG B 459 7.36 -25.65 -46.67
N LEU B 460 8.61 -25.81 -46.23
CA LEU B 460 9.69 -24.90 -46.59
C LEU B 460 10.39 -25.41 -47.84
N ARG B 461 10.52 -24.53 -48.84
CA ARG B 461 11.22 -24.87 -50.09
C ARG B 461 12.09 -23.71 -50.52
N GLY B 462 12.96 -23.96 -51.50
CA GLY B 462 13.87 -22.95 -52.01
C GLY B 462 15.04 -22.62 -51.10
N VAL B 463 15.38 -23.54 -50.19
CA VAL B 463 16.55 -23.35 -49.32
C VAL B 463 17.82 -23.43 -50.19
N PRO B 464 18.56 -22.33 -50.29
CA PRO B 464 19.77 -22.39 -51.12
C PRO B 464 20.81 -23.37 -50.56
N PRO B 465 21.69 -23.90 -51.42
CA PRO B 465 22.71 -24.83 -50.92
C PRO B 465 23.71 -24.12 -50.02
N GLY B 466 24.23 -24.86 -49.03
CA GLY B 466 25.20 -24.30 -48.09
C GLY B 466 25.82 -25.38 -47.23
N PRO B 467 26.91 -25.05 -46.52
CA PRO B 467 27.56 -26.04 -45.65
C PRO B 467 26.80 -26.29 -44.34
N GLY B 468 26.73 -27.56 -43.96
CA GLY B 468 26.21 -27.98 -42.64
C GLY B 468 24.84 -27.45 -42.25
N LEU B 469 23.91 -27.48 -43.21
CA LEU B 469 22.56 -26.96 -42.98
C LEU B 469 21.81 -27.74 -41.90
N VAL B 470 21.35 -27.02 -40.88
CA VAL B 470 20.60 -27.64 -39.79
C VAL B 470 19.36 -26.82 -39.47
N TYR B 471 18.39 -27.43 -38.79
CA TYR B 471 17.24 -26.71 -38.31
C TYR B 471 16.96 -27.03 -36.84
N VAL B 472 16.51 -26.00 -36.12
CA VAL B 472 16.21 -26.10 -34.70
C VAL B 472 14.83 -25.52 -34.46
N THR B 473 14.00 -26.24 -33.71
CA THR B 473 12.67 -25.76 -33.33
C THR B 473 12.66 -25.24 -31.90
N ARG B 474 11.89 -24.18 -31.68
CA ARG B 474 11.65 -23.63 -30.36
C ARG B 474 10.15 -23.40 -30.21
N TYR B 475 9.56 -23.95 -29.15
CA TYR B 475 8.09 -23.98 -29.01
C TYR B 475 7.62 -23.48 -27.63
N LEU B 476 6.56 -22.69 -27.63
CA LEU B 476 5.94 -22.16 -26.41
C LEU B 476 4.45 -22.46 -26.37
N ASP B 477 3.99 -23.03 -25.26
CA ASP B 477 2.55 -23.07 -24.96
C ASP B 477 2.31 -23.06 -23.45
N ASN B 478 1.05 -23.01 -23.05
CA ASN B 478 0.70 -22.83 -21.63
C ASN B 478 0.90 -24.07 -20.77
N GLY B 479 0.98 -25.25 -21.39
CA GLY B 479 1.22 -26.48 -20.66
C GLY B 479 2.69 -26.66 -20.33
N LEU B 480 3.56 -26.33 -21.28
CA LEU B 480 4.98 -26.62 -21.15
C LEU B 480 5.79 -25.44 -20.66
N CYS B 481 5.41 -24.22 -21.05
CA CYS B 481 6.26 -23.06 -20.84
C CYS B 481 5.54 -21.87 -20.18
N SER B 482 4.84 -22.15 -19.08
CA SER B 482 4.16 -21.12 -18.29
C SER B 482 4.55 -21.16 -16.81
N PRO B 483 5.46 -20.26 -16.38
CA PRO B 483 5.78 -20.11 -14.96
C PRO B 483 4.54 -19.82 -14.09
N ASP B 484 3.59 -19.07 -14.64
CA ASP B 484 2.31 -18.84 -13.96
C ASP B 484 1.60 -20.16 -13.67
N GLY B 485 1.57 -21.03 -14.67
CA GLY B 485 0.98 -22.37 -14.53
C GLY B 485 1.66 -23.16 -13.42
N GLU B 486 2.98 -23.07 -13.36
CA GLU B 486 3.75 -23.74 -12.31
C GLU B 486 3.46 -23.14 -10.94
N TRP B 487 3.32 -21.82 -10.90
CA TRP B 487 2.99 -21.11 -9.67
C TRP B 487 1.64 -21.56 -9.12
N ARG B 488 0.64 -21.67 -10.00
CA ARG B 488 -0.70 -22.12 -9.60
C ARG B 488 -0.70 -23.58 -9.16
N ARG B 489 0.02 -24.43 -9.92
CA ARG B 489 0.21 -25.85 -9.56
C ARG B 489 0.80 -26.01 -8.15
N LEU B 490 1.69 -25.10 -7.76
CA LEU B 490 2.29 -25.12 -6.42
C LEU B 490 1.40 -24.50 -5.33
N GLY B 491 0.20 -24.04 -5.68
CA GLY B 491 -0.74 -23.47 -4.72
C GLY B 491 -0.59 -21.95 -4.55
N ARG B 492 -0.03 -21.29 -5.55
CA ARG B 492 0.14 -19.84 -5.56
C ARG B 492 0.81 -19.27 -4.29
N PRO B 493 1.98 -19.80 -3.92
CA PRO B 493 2.62 -19.27 -2.70
C PRO B 493 2.91 -17.78 -2.81
N VAL B 494 2.54 -17.02 -1.79
CA VAL B 494 2.74 -15.57 -1.77
C VAL B 494 4.23 -15.26 -1.66
N PHE B 495 4.92 -15.94 -0.73
CA PHE B 495 6.37 -15.93 -0.66
C PHE B 495 6.88 -17.31 -1.04
N PRO B 496 7.19 -17.53 -2.34
CA PRO B 496 7.67 -18.86 -2.73
C PRO B 496 9.04 -19.19 -2.12
N THR B 497 9.27 -20.46 -1.86
CA THR B 497 10.56 -20.92 -1.35
C THR B 497 11.58 -20.95 -2.50
N ALA B 498 12.85 -21.08 -2.16
CA ALA B 498 13.90 -21.19 -3.17
C ALA B 498 13.61 -22.34 -4.14
N GLU B 499 13.20 -23.49 -3.61
CA GLU B 499 12.88 -24.65 -4.42
C GLU B 499 11.70 -24.37 -5.36
N GLN B 500 10.69 -23.66 -4.86
CA GLN B 500 9.52 -23.33 -5.66
C GLN B 500 9.87 -22.37 -6.80
N PHE B 501 10.76 -21.42 -6.55
CA PHE B 501 11.25 -20.54 -7.60
C PHE B 501 11.95 -21.31 -8.72
N ARG B 502 12.74 -22.31 -8.37
CA ARG B 502 13.46 -23.11 -9.38
C ARG B 502 12.48 -23.88 -10.25
N ARG B 503 11.43 -24.42 -9.63
CA ARG B 503 10.35 -25.10 -10.33
C ARG B 503 9.68 -24.17 -11.33
N MET B 504 9.39 -22.95 -10.91
CA MET B 504 8.75 -21.95 -11.78
C MET B 504 9.66 -21.50 -12.92
N ARG B 505 10.96 -21.32 -12.64
CA ARG B 505 11.91 -20.84 -13.65
C ARG B 505 12.27 -21.92 -14.68
N ALA B 506 12.02 -23.18 -14.36
CA ALA B 506 12.23 -24.27 -15.31
C ALA B 506 11.24 -24.20 -16.48
N ALA B 507 10.21 -23.35 -16.37
CA ALA B 507 9.23 -23.20 -17.45
C ALA B 507 9.40 -21.89 -18.24
N GLU B 508 10.48 -21.15 -18.01
CA GLU B 508 10.68 -19.86 -18.69
C GLU B 508 11.03 -19.98 -20.17
N ASP B 509 11.94 -20.90 -20.49
CA ASP B 509 12.45 -21.03 -21.85
C ASP B 509 11.55 -21.90 -22.72
N PRO B 510 11.63 -21.74 -24.06
CA PRO B 510 10.84 -22.60 -24.95
C PRO B 510 11.36 -24.04 -24.95
N VAL B 511 10.50 -24.97 -25.34
CA VAL B 511 10.92 -26.34 -25.60
C VAL B 511 11.77 -26.32 -26.88
N ALA B 512 13.05 -26.69 -26.76
CA ALA B 512 13.97 -26.68 -27.88
C ALA B 512 14.31 -28.11 -28.31
N ALA B 513 14.36 -28.34 -29.62
CA ALA B 513 14.83 -29.60 -30.18
C ALA B 513 16.26 -29.42 -30.68
N ALA B 514 17.10 -30.42 -30.44
CA ALA B 514 18.51 -30.36 -30.83
C ALA B 514 18.65 -30.19 -32.33
N PRO B 515 19.72 -29.52 -32.80
CA PRO B 515 19.94 -29.33 -34.23
C PRO B 515 19.84 -30.62 -35.03
N ARG B 516 19.07 -30.56 -36.12
CA ARG B 516 18.87 -31.68 -37.03
C ARG B 516 19.36 -31.29 -38.41
N PRO B 517 20.14 -32.17 -39.08
CA PRO B 517 20.50 -31.89 -40.46
C PRO B 517 19.26 -31.73 -41.35
N LEU B 518 19.30 -30.75 -42.25
CA LEU B 518 18.24 -30.57 -43.24
C LEU B 518 18.25 -31.78 -44.18
N PRO B 519 17.08 -32.21 -44.68
CA PRO B 519 17.06 -33.30 -45.65
C PRO B 519 17.83 -32.95 -46.93
N ALA B 520 18.23 -33.97 -47.68
CA ALA B 520 18.86 -33.76 -48.98
C ALA B 520 17.90 -33.02 -49.91
N GLY B 521 18.43 -32.04 -50.65
CA GLY B 521 17.59 -31.15 -51.47
C GLY B 521 17.19 -29.92 -50.69
N GLY B 522 16.52 -28.99 -51.36
CA GLY B 522 16.19 -27.69 -50.77
C GLY B 522 14.89 -27.60 -49.98
N ARG B 523 14.44 -28.71 -49.39
CA ARG B 523 13.11 -28.77 -48.77
C ARG B 523 13.08 -29.32 -47.35
N LEU B 524 12.17 -28.77 -46.55
CA LEU B 524 11.86 -29.28 -45.23
C LEU B 524 10.36 -29.20 -45.02
N THR B 525 9.76 -30.34 -44.65
CA THR B 525 8.34 -30.41 -44.38
C THR B 525 8.10 -30.97 -42.98
N LEU B 526 7.43 -30.19 -42.14
CA LEU B 526 7.12 -30.60 -40.77
C LEU B 526 5.62 -30.54 -40.54
N ARG B 527 5.16 -31.35 -39.58
CA ARG B 527 3.74 -31.41 -39.23
C ARG B 527 3.55 -31.29 -37.72
N PRO B 528 3.78 -30.07 -37.18
CA PRO B 528 3.58 -29.87 -35.75
C PRO B 528 2.11 -29.74 -35.37
N ALA B 529 1.78 -30.19 -34.16
CA ALA B 529 0.48 -29.97 -33.57
C ALA B 529 0.59 -28.79 -32.61
N LEU B 530 0.03 -27.65 -33.00
CA LEU B 530 0.12 -26.44 -32.20
C LEU B 530 -1.08 -26.28 -31.30
N ARG B 531 -0.83 -25.90 -30.05
CA ARG B 531 -1.91 -25.58 -29.11
C ARG B 531 -2.40 -24.15 -29.34
N LEU B 532 -3.41 -23.75 -28.60
CA LEU B 532 -4.03 -22.45 -28.80
C LEU B 532 -4.20 -21.78 -27.44
N PRO B 533 -3.29 -20.86 -27.09
CA PRO B 533 -2.22 -20.26 -27.89
C PRO B 533 -0.95 -21.10 -28.00
N SER B 534 -0.14 -20.82 -29.02
CA SER B 534 1.22 -21.33 -29.09
C SER B 534 2.07 -20.49 -30.04
N LEU B 535 3.38 -20.65 -29.92
CA LEU B 535 4.34 -20.07 -30.86
C LEU B 535 5.35 -21.13 -31.24
N LEU B 536 5.75 -21.14 -32.51
CA LEU B 536 6.78 -22.04 -33.00
C LEU B 536 7.74 -21.28 -33.89
N LEU B 537 9.03 -21.33 -33.55
CA LEU B 537 10.05 -20.80 -34.42
C LEU B 537 10.89 -21.94 -34.98
N VAL B 538 10.95 -22.03 -36.30
CA VAL B 538 11.81 -22.99 -36.98
C VAL B 538 12.99 -22.19 -37.52
N HIS B 539 14.18 -22.52 -37.04
CA HIS B 539 15.40 -21.81 -37.39
C HIS B 539 16.26 -22.71 -38.27
N VAL B 540 16.55 -22.26 -39.49
CA VAL B 540 17.37 -23.01 -40.44
C VAL B 540 18.64 -22.24 -40.72
N CYS B 541 19.80 -22.83 -40.43
N CYS B 541 19.79 -22.84 -40.40
CA CYS B 541 21.06 -22.12 -40.54
CA CYS B 541 21.09 -22.16 -40.46
C CYS B 541 22.13 -22.94 -41.24
C CYS B 541 22.11 -22.96 -41.28
N ALA B 542 22.88 -22.27 -42.11
CA ALA B 542 24.07 -22.85 -42.72
C ALA B 542 25.22 -22.61 -41.73
N ARG B 543 26.26 -23.43 -41.83
CA ARG B 543 27.39 -23.40 -40.89
C ARG B 543 28.42 -22.33 -41.26
N PRO B 544 28.58 -21.30 -40.41
CA PRO B 544 29.65 -20.33 -40.67
C PRO B 544 31.04 -20.96 -40.53
N GLU B 545 32.02 -20.44 -41.28
CA GLU B 545 33.36 -21.01 -41.28
C GLU B 545 33.98 -20.98 -39.89
N LYS B 546 33.86 -19.84 -39.22
CA LYS B 546 34.44 -19.63 -37.90
C LYS B 546 33.41 -19.77 -36.77
N PRO B 547 33.87 -20.16 -35.57
CA PRO B 547 32.97 -20.32 -34.42
C PRO B 547 32.48 -18.96 -33.89
N PRO B 548 31.57 -18.99 -32.89
CA PRO B 548 31.06 -17.73 -32.34
C PRO B 548 32.13 -16.87 -31.64
N GLY B 549 31.80 -15.60 -31.42
CA GLY B 549 32.69 -14.67 -30.75
C GLY B 549 32.56 -14.72 -29.23
N GLN B 550 33.18 -13.76 -28.55
CA GLN B 550 33.30 -13.78 -27.10
C GLN B 550 32.13 -13.08 -26.39
N VAL B 551 31.63 -13.71 -25.33
CA VAL B 551 30.67 -13.08 -24.44
C VAL B 551 31.35 -11.94 -23.68
N THR B 552 30.68 -10.80 -23.56
CA THR B 552 31.25 -9.64 -22.91
C THR B 552 30.34 -9.09 -21.80
N ARG B 553 30.91 -8.19 -20.99
CA ARG B 553 30.18 -7.46 -19.95
C ARG B 553 29.50 -8.37 -18.92
N LEU B 554 30.12 -9.50 -18.62
CA LEU B 554 29.58 -10.40 -17.61
C LEU B 554 29.63 -9.74 -16.24
N ARG B 555 28.52 -9.82 -15.50
CA ARG B 555 28.54 -9.45 -14.08
C ARG B 555 27.58 -10.32 -13.27
N ALA B 556 27.86 -10.38 -11.97
CA ALA B 556 27.09 -11.19 -11.02
C ALA B 556 26.52 -10.27 -9.96
N LEU B 557 25.19 -10.20 -9.88
CA LEU B 557 24.50 -9.33 -8.91
C LEU B 557 23.83 -10.15 -7.82
N PRO B 558 24.01 -9.77 -6.54
CA PRO B 558 23.35 -10.50 -5.45
C PRO B 558 21.83 -10.45 -5.52
N LEU B 559 21.18 -11.54 -5.12
CA LEU B 559 19.72 -11.57 -4.98
C LEU B 559 19.37 -11.71 -3.50
N THR B 560 19.90 -12.78 -2.91
CA THR B 560 19.74 -13.05 -1.49
C THR B 560 20.84 -14.04 -1.12
N GLN B 561 20.90 -14.46 0.15
CA GLN B 561 21.89 -15.45 0.56
C GLN B 561 21.70 -16.73 -0.26
N GLY B 562 22.78 -17.20 -0.88
CA GLY B 562 22.74 -18.41 -1.70
C GLY B 562 22.33 -18.22 -3.15
N GLN B 563 22.10 -16.98 -3.57
CA GLN B 563 21.59 -16.71 -4.92
C GLN B 563 22.16 -15.45 -5.56
N LEU B 564 22.45 -15.53 -6.85
CA LEU B 564 22.83 -14.37 -7.64
C LEU B 564 22.24 -14.43 -9.03
N VAL B 565 22.33 -13.32 -9.75
CA VAL B 565 21.93 -13.26 -11.15
C VAL B 565 23.14 -12.88 -12.00
N LEU B 566 23.41 -13.69 -13.00
CA LEU B 566 24.46 -13.43 -13.97
C LEU B 566 23.83 -12.77 -15.18
N VAL B 567 24.44 -11.66 -15.61
CA VAL B 567 23.97 -10.90 -16.78
C VAL B 567 25.17 -10.69 -17.69
N TRP B 568 24.93 -10.71 -19.00
CA TRP B 568 25.99 -10.52 -19.97
C TRP B 568 25.46 -9.97 -21.29
N SER B 569 26.37 -9.63 -22.20
CA SER B 569 26.01 -9.10 -23.51
C SER B 569 26.42 -10.08 -24.61
N ASP B 570 25.63 -10.11 -25.67
CA ASP B 570 25.94 -10.92 -26.85
C ASP B 570 26.39 -10.05 -28.02
N GLU B 571 26.78 -8.80 -27.72
CA GLU B 571 27.16 -7.83 -28.75
C GLU B 571 28.23 -8.32 -29.76
N HIS B 572 29.15 -9.18 -29.30
CA HIS B 572 30.26 -9.63 -30.17
C HIS B 572 30.26 -11.13 -30.47
N VAL B 573 29.14 -11.82 -30.24
CA VAL B 573 29.09 -13.27 -30.50
C VAL B 573 28.91 -13.55 -32.00
N GLY B 574 28.33 -12.59 -32.72
CA GLY B 574 28.18 -12.70 -34.16
C GLY B 574 26.88 -13.38 -34.53
N SER B 575 26.97 -14.64 -34.93
CA SER B 575 25.84 -15.36 -35.51
C SER B 575 24.69 -15.63 -34.52
N LYS B 576 23.48 -15.72 -35.05
CA LYS B 576 22.28 -16.02 -34.26
C LYS B 576 22.04 -17.53 -34.06
N CYS B 577 22.85 -18.37 -34.72
N CYS B 577 22.84 -18.38 -34.73
CA CYS B 577 22.70 -19.81 -34.65
CA CYS B 577 22.63 -19.83 -34.65
C CYS B 577 23.28 -20.38 -33.37
C CYS B 577 23.27 -20.38 -33.38
N LEU B 578 22.73 -19.97 -32.23
CA LEU B 578 23.25 -20.37 -30.93
C LEU B 578 22.29 -21.29 -30.20
N TRP B 579 22.83 -22.36 -29.63
CA TRP B 579 22.06 -23.33 -28.86
C TRP B 579 21.85 -22.85 -27.43
N THR B 580 22.93 -22.45 -26.77
CA THR B 580 22.85 -21.96 -25.39
C THR B 580 24.13 -21.22 -25.01
N TYR B 581 24.13 -20.66 -23.80
CA TYR B 581 25.35 -20.14 -23.21
C TYR B 581 25.79 -21.06 -22.09
N GLU B 582 27.01 -21.59 -22.20
CA GLU B 582 27.56 -22.44 -21.16
C GLU B 582 28.11 -21.58 -20.03
N ILE B 583 27.50 -21.71 -18.85
CA ILE B 583 27.97 -21.04 -17.66
C ILE B 583 28.85 -22.02 -16.89
N GLN B 584 30.01 -21.56 -16.45
CA GLN B 584 30.92 -22.38 -15.65
C GLN B 584 31.25 -21.66 -14.34
N PHE B 585 31.35 -22.43 -13.27
CA PHE B 585 31.56 -21.91 -11.92
C PHE B 585 32.76 -22.61 -11.28
N SER B 586 33.68 -21.82 -10.72
CA SER B 586 34.83 -22.33 -9.99
C SER B 586 34.77 -21.90 -8.52
N GLN B 587 34.83 -22.87 -7.60
CA GLN B 587 34.89 -22.59 -6.17
C GLN B 587 36.32 -22.78 -5.65
N ASP B 588 36.66 -22.06 -4.59
CA ASP B 588 37.93 -22.26 -3.87
C ASP B 588 39.14 -22.44 -4.80
N GLY B 589 39.16 -21.72 -5.91
CA GLY B 589 40.25 -21.81 -6.87
C GLY B 589 40.50 -23.20 -7.44
N LYS B 590 39.44 -23.96 -7.69
CA LYS B 590 39.55 -25.26 -8.34
C LYS B 590 38.95 -25.21 -9.75
N ALA B 591 38.89 -26.36 -10.41
CA ALA B 591 38.46 -26.45 -11.81
C ALA B 591 37.08 -25.83 -12.04
N TYR B 592 36.91 -25.18 -13.19
CA TYR B 592 35.62 -24.66 -13.60
C TYR B 592 34.67 -25.81 -13.91
N THR B 593 33.46 -25.75 -13.37
CA THR B 593 32.48 -26.81 -13.52
C THR B 593 31.24 -26.26 -14.24
N PRO B 594 30.78 -26.94 -15.30
CA PRO B 594 29.57 -26.46 -15.98
C PRO B 594 28.37 -26.47 -15.06
N VAL B 595 27.53 -25.45 -15.17
CA VAL B 595 26.29 -25.37 -14.42
C VAL B 595 25.20 -25.98 -15.29
N SER B 596 24.61 -27.08 -14.81
CA SER B 596 23.55 -27.77 -15.52
C SER B 596 22.28 -26.93 -15.54
N ARG B 597 21.70 -26.77 -16.72
CA ARG B 597 20.48 -25.96 -16.88
C ARG B 597 19.85 -26.19 -18.25
N LYS B 598 18.61 -25.71 -18.40
CA LYS B 598 17.89 -25.77 -19.69
C LYS B 598 18.63 -24.97 -20.75
N PRO B 599 18.54 -25.39 -22.03
CA PRO B 599 19.14 -24.58 -23.09
C PRO B 599 18.47 -23.21 -23.16
N SER B 600 19.26 -22.15 -23.29
CA SER B 600 18.73 -20.79 -23.30
C SER B 600 19.70 -19.83 -23.97
N THR B 601 19.17 -18.94 -24.80
CA THR B 601 19.95 -17.84 -25.37
C THR B 601 19.63 -16.49 -24.71
N PHE B 602 18.78 -16.52 -23.69
CA PHE B 602 18.47 -15.31 -22.91
C PHE B 602 19.75 -14.88 -22.18
N ASN B 603 20.11 -13.60 -22.32
CA ASN B 603 21.40 -13.11 -21.82
C ASN B 603 21.47 -12.88 -20.30
N LEU B 604 20.77 -13.74 -19.55
CA LEU B 604 20.71 -13.62 -18.09
C LEU B 604 20.37 -14.98 -17.49
N PHE B 605 20.89 -15.27 -16.30
CA PHE B 605 20.57 -16.50 -15.59
C PHE B 605 20.63 -16.31 -14.08
N VAL B 606 19.54 -16.66 -13.40
CA VAL B 606 19.53 -16.71 -11.94
C VAL B 606 20.20 -18.01 -11.48
N PHE B 607 21.27 -17.89 -10.71
CA PHE B 607 21.97 -19.05 -10.17
C PHE B 607 21.57 -19.25 -8.71
N SER B 608 20.82 -20.32 -8.46
CA SER B 608 20.36 -20.67 -7.13
C SER B 608 20.64 -22.16 -6.88
N PRO B 609 21.90 -22.49 -6.54
CA PRO B 609 22.28 -23.88 -6.29
C PRO B 609 21.63 -24.44 -5.02
N ASP B 610 21.34 -25.73 -5.02
CA ASP B 610 20.72 -26.39 -3.87
C ASP B 610 21.60 -26.27 -2.61
N THR B 611 22.92 -26.27 -2.80
CA THR B 611 23.87 -26.12 -1.69
C THR B 611 23.98 -24.67 -1.19
N GLY B 612 23.52 -23.72 -2.01
CA GLY B 612 23.68 -22.29 -1.71
C GLY B 612 25.11 -21.77 -1.87
N ALA B 613 25.98 -22.55 -2.51
CA ALA B 613 27.37 -22.17 -2.68
C ALA B 613 27.52 -21.35 -3.96
N VAL B 614 27.67 -20.03 -3.80
CA VAL B 614 27.78 -19.10 -4.94
C VAL B 614 29.10 -18.31 -5.01
N SER B 615 29.91 -18.36 -3.95
CA SER B 615 31.18 -17.61 -3.94
C SER B 615 32.22 -18.31 -4.79
N GLY B 616 32.95 -17.53 -5.61
CA GLY B 616 33.94 -18.09 -6.53
C GLY B 616 34.09 -17.24 -7.78
N SER B 617 34.41 -17.88 -8.90
CA SER B 617 34.52 -17.18 -10.19
C SER B 617 33.59 -17.79 -11.25
N TYR B 618 33.07 -16.93 -12.12
CA TYR B 618 32.16 -17.36 -13.17
C TYR B 618 32.70 -16.96 -14.53
N ARG B 619 32.51 -17.84 -15.52
CA ARG B 619 32.75 -17.49 -16.93
C ARG B 619 31.65 -18.06 -17.82
N VAL B 620 31.41 -17.40 -18.96
CA VAL B 620 30.30 -17.75 -19.85
C VAL B 620 30.76 -17.71 -21.30
N ARG B 621 30.38 -18.73 -22.07
CA ARG B 621 30.65 -18.76 -23.51
C ARG B 621 29.42 -19.19 -24.31
N ALA B 622 29.40 -18.77 -25.57
CA ALA B 622 28.37 -19.19 -26.52
C ALA B 622 28.67 -20.58 -27.06
N LEU B 623 27.61 -21.34 -27.37
CA LEU B 623 27.72 -22.63 -28.03
C LEU B 623 26.78 -22.66 -29.22
N ASP B 624 27.32 -22.82 -30.43
CA ASP B 624 26.50 -22.81 -31.65
C ASP B 624 25.85 -24.17 -31.90
N TYR B 625 25.09 -24.25 -33.00
CA TYR B 625 24.37 -25.45 -33.39
C TYR B 625 25.25 -26.66 -33.79
N TRP B 626 26.54 -26.42 -33.99
CA TRP B 626 27.48 -27.49 -34.36
C TRP B 626 28.42 -27.83 -33.20
N ALA B 627 27.99 -27.50 -31.99
CA ALA B 627 28.74 -27.78 -30.77
C ALA B 627 30.12 -27.10 -30.71
N ARG B 628 30.27 -25.99 -31.42
CA ARG B 628 31.50 -25.21 -31.36
C ARG B 628 31.31 -24.09 -30.32
N PRO B 629 32.28 -23.95 -29.41
CA PRO B 629 32.22 -22.89 -28.42
C PRO B 629 32.84 -21.59 -28.90
N GLY B 630 32.34 -20.47 -28.39
CA GLY B 630 33.04 -19.19 -28.54
C GLY B 630 34.05 -19.08 -27.41
N PRO B 631 34.95 -18.10 -27.48
CA PRO B 631 35.90 -17.92 -26.36
C PRO B 631 35.17 -17.51 -25.08
N PHE B 632 35.67 -17.96 -23.95
CA PHE B 632 35.06 -17.62 -22.66
C PHE B 632 35.12 -16.12 -22.41
N SER B 633 34.14 -15.62 -21.68
CA SER B 633 34.18 -14.26 -21.19
C SER B 633 35.33 -14.17 -20.20
N ASP B 634 35.78 -12.96 -19.93
CA ASP B 634 36.69 -12.75 -18.82
C ASP B 634 36.00 -13.29 -17.57
N PRO B 635 36.77 -13.91 -16.67
CA PRO B 635 36.15 -14.42 -15.45
C PRO B 635 35.61 -13.28 -14.60
N VAL B 636 34.62 -13.58 -13.77
CA VAL B 636 34.04 -12.59 -12.88
C VAL B 636 33.97 -13.17 -11.48
N PRO B 637 34.77 -12.61 -10.55
CA PRO B 637 34.77 -13.12 -9.18
C PRO B 637 33.54 -12.65 -8.41
N TYR B 638 33.08 -13.47 -7.47
CA TYR B 638 31.94 -13.13 -6.62
C TYR B 638 32.20 -13.64 -5.20
N LEU B 639 32.15 -12.72 -4.23
CA LEU B 639 32.25 -13.08 -2.83
C LEU B 639 31.00 -12.60 -2.10
N GLU B 640 30.26 -13.55 -1.54
CA GLU B 640 29.02 -13.25 -0.85
C GLU B 640 29.30 -12.64 0.52
N VAL B 641 28.69 -11.50 0.80
CA VAL B 641 28.83 -10.84 2.10
C VAL B 641 27.82 -11.44 3.07
N PRO B 642 28.29 -12.06 4.17
CA PRO B 642 27.38 -12.67 5.14
C PRO B 642 26.76 -11.65 6.09
#